data_5UZN
# 
_entry.id   5UZN 
# 
_audit_conform.dict_name       mmcif_pdbx.dic 
_audit_conform.dict_version    5.379 
_audit_conform.dict_location   http://mmcif.pdb.org/dictionaries/ascii/mmcif_pdbx.dic 
# 
loop_
_database_2.database_id 
_database_2.database_code 
_database_2.pdbx_database_accession 
_database_2.pdbx_DOI 
PDB   5UZN         pdb_00005uzn 10.2210/pdb5uzn/pdb 
WWPDB D_1000226676 ?            ?                   
# 
loop_
_pdbx_database_related.db_name 
_pdbx_database_related.details 
_pdbx_database_related.db_id 
_pdbx_database_related.content_type 
PDB '5UZG is same protein but different domain (region).' 5UZG unspecified 
PDB '5UZM is same protein but different domain (region).' 5UZM unspecified 
# 
_pdbx_database_status.status_code                     REL 
_pdbx_database_status.status_code_sf                  REL 
_pdbx_database_status.status_code_mr                  ? 
_pdbx_database_status.entry_id                        5UZN 
_pdbx_database_status.recvd_initial_deposition_date   2017-02-27 
_pdbx_database_status.SG_entry                        N 
_pdbx_database_status.deposit_site                    RCSB 
_pdbx_database_status.process_site                    RCSB 
_pdbx_database_status.status_code_cs                  ? 
_pdbx_database_status.methods_development_category    ? 
_pdbx_database_status.pdb_format_compatible           Y 
_pdbx_database_status.status_code_nmr_data            ? 
# 
loop_
_audit_author.name 
_audit_author.pdbx_ordinal 
_audit_author.identifier_ORCID 
'Teramoto, T.' 1 ? 
'Hall, T.M.T.' 2 ? 
# 
_citation.abstract                  ? 
_citation.abstract_id_CAS           ? 
_citation.book_id_ISBN              ? 
_citation.book_publisher            ? 
_citation.book_publisher_city       ? 
_citation.book_title                ? 
_citation.coordinate_linkage        ? 
_citation.country                   US 
_citation.database_id_Medline       ? 
_citation.details                   ? 
_citation.id                        primary 
_citation.journal_abbrev            'Cell Rep' 
_citation.journal_id_ASTM           ? 
_citation.journal_id_CSD            ? 
_citation.journal_id_ISSN           2211-1247 
_citation.journal_full              ? 
_citation.journal_issue             ? 
_citation.journal_volume            19 
_citation.language                  ? 
_citation.page_first                150 
_citation.page_last                 161 
_citation.title                     
'The Drosophila hnRNP F/H Homolog Glorund Uses Two Distinct RNA-Binding Modes to Diversify Target Recognition.' 
_citation.year                      2017 
_citation.database_id_CSD           ? 
_citation.pdbx_database_id_DOI      10.1016/j.celrep.2017.03.022 
_citation.pdbx_database_id_PubMed   28380354 
_citation.unpublished_flag          ? 
# 
loop_
_citation_author.citation_id 
_citation_author.name 
_citation_author.ordinal 
_citation_author.identifier_ORCID 
primary 'Tamayo, J.V.'   1 ? 
primary 'Teramoto, T.'   2 ? 
primary 'Chatterjee, S.' 3 ? 
primary 'Hall, T.M.'     4 ? 
primary 'Gavis, E.R.'    5 ? 
# 
_cell.angle_alpha                  90.00 
_cell.angle_alpha_esd              ? 
_cell.angle_beta                   90.00 
_cell.angle_beta_esd               ? 
_cell.angle_gamma                  90.00 
_cell.angle_gamma_esd              ? 
_cell.entry_id                     5UZN 
_cell.details                      ? 
_cell.formula_units_Z              ? 
_cell.length_a                     55.474 
_cell.length_a_esd                 ? 
_cell.length_b                     55.474 
_cell.length_b_esd                 ? 
_cell.length_c                     58.695 
_cell.length_c_esd                 ? 
_cell.volume                       ? 
_cell.volume_esd                   ? 
_cell.Z_PDB                        8 
_cell.reciprocal_angle_alpha       ? 
_cell.reciprocal_angle_beta        ? 
_cell.reciprocal_angle_gamma       ? 
_cell.reciprocal_angle_alpha_esd   ? 
_cell.reciprocal_angle_beta_esd    ? 
_cell.reciprocal_angle_gamma_esd   ? 
_cell.reciprocal_length_a          ? 
_cell.reciprocal_length_b          ? 
_cell.reciprocal_length_c          ? 
_cell.reciprocal_length_a_esd      ? 
_cell.reciprocal_length_b_esd      ? 
_cell.reciprocal_length_c_esd      ? 
_cell.pdbx_unique_axis             ? 
# 
_symmetry.entry_id                         5UZN 
_symmetry.cell_setting                     ? 
_symmetry.Int_Tables_number                94 
_symmetry.space_group_name_Hall            ? 
_symmetry.space_group_name_H-M             'P 42 21 2' 
_symmetry.pdbx_full_space_group_name_H-M   ? 
# 
loop_
_entity.id 
_entity.type 
_entity.src_method 
_entity.pdbx_description 
_entity.formula_weight 
_entity.pdbx_number_of_molecules 
_entity.pdbx_ec 
_entity.pdbx_mutation 
_entity.pdbx_fragment 
_entity.details 
1 polymer     man AT27789p      10782.001 1  ? ? 'qRRM3 domain residues 475-562' ? 
2 non-polymer syn GLYCEROL      92.094    3  ? ? ?                               ? 
3 non-polymer syn 'SULFATE ION' 96.063    1  ? ? ?                               ? 
4 water       nat water         18.015    33 ? ? ?                               ? 
# 
_entity_name_com.entity_id   1 
_entity_name_com.name        'Glorund,isoform A,isoform B' 
# 
_entity_poly.entity_id                      1 
_entity_poly.type                           'polypeptide(L)' 
_entity_poly.nstd_linkage                   no 
_entity_poly.nstd_monomer                   no 
_entity_poly.pdbx_seq_one_letter_code       
;GSHMGNDIEYYTIHMRGLPYTSFENDVFKFFEPIRPANVRINYNKKGLHSGTADAYFDTYEDSQVAMKRHREQMGSRYIE
LFYDGKTRGLNG
;
_entity_poly.pdbx_seq_one_letter_code_can   
;GSHMGNDIEYYTIHMRGLPYTSFENDVFKFFEPIRPANVRINYNKKGLHSGTADAYFDTYEDSQVAMKRHREQMGSRYIE
LFYDGKTRGLNG
;
_entity_poly.pdbx_strand_id                 A 
_entity_poly.pdbx_target_identifier         ? 
# 
loop_
_entity_poly_seq.entity_id 
_entity_poly_seq.num 
_entity_poly_seq.mon_id 
_entity_poly_seq.hetero 
1 1  GLY n 
1 2  SER n 
1 3  HIS n 
1 4  MET n 
1 5  GLY n 
1 6  ASN n 
1 7  ASP n 
1 8  ILE n 
1 9  GLU n 
1 10 TYR n 
1 11 TYR n 
1 12 THR n 
1 13 ILE n 
1 14 HIS n 
1 15 MET n 
1 16 ARG n 
1 17 GLY n 
1 18 LEU n 
1 19 PRO n 
1 20 TYR n 
1 21 THR n 
1 22 SER n 
1 23 PHE n 
1 24 GLU n 
1 25 ASN n 
1 26 ASP n 
1 27 VAL n 
1 28 PHE n 
1 29 LYS n 
1 30 PHE n 
1 31 PHE n 
1 32 GLU n 
1 33 PRO n 
1 34 ILE n 
1 35 ARG n 
1 36 PRO n 
1 37 ALA n 
1 38 ASN n 
1 39 VAL n 
1 40 ARG n 
1 41 ILE n 
1 42 ASN n 
1 43 TYR n 
1 44 ASN n 
1 45 LYS n 
1 46 LYS n 
1 47 GLY n 
1 48 LEU n 
1 49 HIS n 
1 50 SER n 
1 51 GLY n 
1 52 THR n 
1 53 ALA n 
1 54 ASP n 
1 55 ALA n 
1 56 TYR n 
1 57 PHE n 
1 58 ASP n 
1 59 THR n 
1 60 TYR n 
1 61 GLU n 
1 62 ASP n 
1 63 SER n 
1 64 GLN n 
1 65 VAL n 
1 66 ALA n 
1 67 MET n 
1 68 LYS n 
1 69 ARG n 
1 70 HIS n 
1 71 ARG n 
1 72 GLU n 
1 73 GLN n 
1 74 MET n 
1 75 GLY n 
1 76 SER n 
1 77 ARG n 
1 78 TYR n 
1 79 ILE n 
1 80 GLU n 
1 81 LEU n 
1 82 PHE n 
1 83 TYR n 
1 84 ASP n 
1 85 GLY n 
1 86 LYS n 
1 87 THR n 
1 88 ARG n 
1 89 GLY n 
1 90 LEU n 
1 91 ASN n 
1 92 GLY n 
# 
_entity_src_gen.entity_id                          1 
_entity_src_gen.pdbx_src_id                        1 
_entity_src_gen.pdbx_alt_source_flag               sample 
_entity_src_gen.pdbx_seq_type                      'Biological sequence' 
_entity_src_gen.pdbx_beg_seq_num                   1 
_entity_src_gen.pdbx_end_seq_num                   92 
_entity_src_gen.gene_src_common_name               'Fruit fly' 
_entity_src_gen.gene_src_genus                     ? 
_entity_src_gen.pdbx_gene_src_gene                 'glo, CG6946, Dmel_CG6946' 
_entity_src_gen.gene_src_species                   ? 
_entity_src_gen.gene_src_strain                    ? 
_entity_src_gen.gene_src_tissue                    ? 
_entity_src_gen.gene_src_tissue_fraction           ? 
_entity_src_gen.gene_src_details                   ? 
_entity_src_gen.pdbx_gene_src_fragment             ? 
_entity_src_gen.pdbx_gene_src_scientific_name      'Drosophila melanogaster' 
_entity_src_gen.pdbx_gene_src_ncbi_taxonomy_id     7227 
_entity_src_gen.pdbx_gene_src_variant              ? 
_entity_src_gen.pdbx_gene_src_cell_line            ? 
_entity_src_gen.pdbx_gene_src_atcc                 ? 
_entity_src_gen.pdbx_gene_src_organ                ? 
_entity_src_gen.pdbx_gene_src_organelle            ? 
_entity_src_gen.pdbx_gene_src_cell                 ? 
_entity_src_gen.pdbx_gene_src_cellular_location    ? 
_entity_src_gen.host_org_common_name               ? 
_entity_src_gen.pdbx_host_org_scientific_name      'Escherichia coli' 
_entity_src_gen.pdbx_host_org_ncbi_taxonomy_id     562 
_entity_src_gen.host_org_genus                     ? 
_entity_src_gen.pdbx_host_org_gene                 ? 
_entity_src_gen.pdbx_host_org_organ                ? 
_entity_src_gen.host_org_species                   ? 
_entity_src_gen.pdbx_host_org_tissue               ? 
_entity_src_gen.pdbx_host_org_tissue_fraction      ? 
_entity_src_gen.pdbx_host_org_strain               ? 
_entity_src_gen.pdbx_host_org_variant              ? 
_entity_src_gen.pdbx_host_org_cell_line            ? 
_entity_src_gen.pdbx_host_org_atcc                 ? 
_entity_src_gen.pdbx_host_org_culture_collection   ? 
_entity_src_gen.pdbx_host_org_cell                 ? 
_entity_src_gen.pdbx_host_org_organelle            ? 
_entity_src_gen.pdbx_host_org_cellular_location    ? 
_entity_src_gen.pdbx_host_org_vector_type          ? 
_entity_src_gen.pdbx_host_org_vector               ? 
_entity_src_gen.host_org_details                   ? 
_entity_src_gen.expression_system_id               ? 
_entity_src_gen.plasmid_name                       ? 
_entity_src_gen.plasmid_details                    ? 
_entity_src_gen.pdbx_description                   ? 
# 
_struct_ref.id                         1 
_struct_ref.db_name                    UNP 
_struct_ref.db_code                    Q9VGH5_DROME 
_struct_ref.pdbx_db_accession          Q9VGH5 
_struct_ref.pdbx_db_isoform            ? 
_struct_ref.entity_id                  1 
_struct_ref.pdbx_seq_one_letter_code   
;GNDIEYYTIHMRGLPYTSFENDVFKFFEPIRPANVRINYNKKGLHSGTADAYFDTYEDSQVAMKRHREQMGSRYIELFYD
GKTRGLNG
;
_struct_ref.pdbx_align_begin           475 
# 
_struct_ref_seq.align_id                      1 
_struct_ref_seq.ref_id                        1 
_struct_ref_seq.pdbx_PDB_id_code              5UZN 
_struct_ref_seq.pdbx_strand_id                A 
_struct_ref_seq.seq_align_beg                 5 
_struct_ref_seq.pdbx_seq_align_beg_ins_code   ? 
_struct_ref_seq.seq_align_end                 92 
_struct_ref_seq.pdbx_seq_align_end_ins_code   ? 
_struct_ref_seq.pdbx_db_accession             Q9VGH5 
_struct_ref_seq.db_align_beg                  475 
_struct_ref_seq.pdbx_db_align_beg_ins_code    ? 
_struct_ref_seq.db_align_end                  562 
_struct_ref_seq.pdbx_db_align_end_ins_code    ? 
_struct_ref_seq.pdbx_auth_seq_align_beg       475 
_struct_ref_seq.pdbx_auth_seq_align_end       562 
# 
loop_
_struct_ref_seq_dif.align_id 
_struct_ref_seq_dif.pdbx_pdb_id_code 
_struct_ref_seq_dif.mon_id 
_struct_ref_seq_dif.pdbx_pdb_strand_id 
_struct_ref_seq_dif.seq_num 
_struct_ref_seq_dif.pdbx_pdb_ins_code 
_struct_ref_seq_dif.pdbx_seq_db_name 
_struct_ref_seq_dif.pdbx_seq_db_accession_code 
_struct_ref_seq_dif.db_mon_id 
_struct_ref_seq_dif.pdbx_seq_db_seq_num 
_struct_ref_seq_dif.details 
_struct_ref_seq_dif.pdbx_auth_seq_num 
_struct_ref_seq_dif.pdbx_ordinal 
1 5UZN GLY A 1 ? UNP Q9VGH5 ? ? 'expression tag' 471 1 
1 5UZN SER A 2 ? UNP Q9VGH5 ? ? 'expression tag' 472 2 
1 5UZN HIS A 3 ? UNP Q9VGH5 ? ? 'expression tag' 473 3 
1 5UZN MET A 4 ? UNP Q9VGH5 ? ? 'expression tag' 474 4 
# 
loop_
_chem_comp.id 
_chem_comp.type 
_chem_comp.mon_nstd_flag 
_chem_comp.name 
_chem_comp.pdbx_synonyms 
_chem_comp.formula 
_chem_comp.formula_weight 
ALA 'L-peptide linking' y ALANINE         ?                               'C3 H7 N O2'     89.093  
ARG 'L-peptide linking' y ARGININE        ?                               'C6 H15 N4 O2 1' 175.209 
ASN 'L-peptide linking' y ASPARAGINE      ?                               'C4 H8 N2 O3'    132.118 
ASP 'L-peptide linking' y 'ASPARTIC ACID' ?                               'C4 H7 N O4'     133.103 
GLN 'L-peptide linking' y GLUTAMINE       ?                               'C5 H10 N2 O3'   146.144 
GLU 'L-peptide linking' y 'GLUTAMIC ACID' ?                               'C5 H9 N O4'     147.129 
GLY 'peptide linking'   y GLYCINE         ?                               'C2 H5 N O2'     75.067  
GOL non-polymer         . GLYCEROL        'GLYCERIN; PROPANE-1,2,3-TRIOL' 'C3 H8 O3'       92.094  
HIS 'L-peptide linking' y HISTIDINE       ?                               'C6 H10 N3 O2 1' 156.162 
HOH non-polymer         . WATER           ?                               'H2 O'           18.015  
ILE 'L-peptide linking' y ISOLEUCINE      ?                               'C6 H13 N O2'    131.173 
LEU 'L-peptide linking' y LEUCINE         ?                               'C6 H13 N O2'    131.173 
LYS 'L-peptide linking' y LYSINE          ?                               'C6 H15 N2 O2 1' 147.195 
MET 'L-peptide linking' y METHIONINE      ?                               'C5 H11 N O2 S'  149.211 
PHE 'L-peptide linking' y PHENYLALANINE   ?                               'C9 H11 N O2'    165.189 
PRO 'L-peptide linking' y PROLINE         ?                               'C5 H9 N O2'     115.130 
SER 'L-peptide linking' y SERINE          ?                               'C3 H7 N O3'     105.093 
SO4 non-polymer         . 'SULFATE ION'   ?                               'O4 S -2'        96.063  
THR 'L-peptide linking' y THREONINE       ?                               'C4 H9 N O3'     119.119 
TYR 'L-peptide linking' y TYROSINE        ?                               'C9 H11 N O3'    181.189 
VAL 'L-peptide linking' y VALINE          ?                               'C5 H11 N O2'    117.146 
# 
_exptl.absorpt_coefficient_mu     ? 
_exptl.absorpt_correction_T_max   ? 
_exptl.absorpt_correction_T_min   ? 
_exptl.absorpt_correction_type    ? 
_exptl.absorpt_process_details    ? 
_exptl.entry_id                   5UZN 
_exptl.crystals_number            1 
_exptl.details                    ? 
_exptl.method                     'X-RAY DIFFRACTION' 
_exptl.method_details             ? 
# 
_exptl_crystal.colour                      ? 
_exptl_crystal.density_diffrn              ? 
_exptl_crystal.density_Matthews            2.18 
_exptl_crystal.density_method              ? 
_exptl_crystal.density_percent_sol         43.52 
_exptl_crystal.description                 ? 
_exptl_crystal.F_000                       ? 
_exptl_crystal.id                          1 
_exptl_crystal.preparation                 ? 
_exptl_crystal.size_max                    ? 
_exptl_crystal.size_mid                    ? 
_exptl_crystal.size_min                    ? 
_exptl_crystal.size_rad                    ? 
_exptl_crystal.colour_lustre               ? 
_exptl_crystal.colour_modifier             ? 
_exptl_crystal.colour_primary              ? 
_exptl_crystal.density_meas                ? 
_exptl_crystal.density_meas_esd            ? 
_exptl_crystal.density_meas_gt             ? 
_exptl_crystal.density_meas_lt             ? 
_exptl_crystal.density_meas_temp           ? 
_exptl_crystal.density_meas_temp_esd       ? 
_exptl_crystal.density_meas_temp_gt        ? 
_exptl_crystal.density_meas_temp_lt        ? 
_exptl_crystal.pdbx_crystal_image_url      ? 
_exptl_crystal.pdbx_crystal_image_format   ? 
_exptl_crystal.pdbx_mosaicity              ? 
_exptl_crystal.pdbx_mosaicity_esd          ? 
# 
_exptl_crystal_grow.apparatus       ? 
_exptl_crystal_grow.atmosphere      ? 
_exptl_crystal_grow.crystal_id      1 
_exptl_crystal_grow.details         ? 
_exptl_crystal_grow.method          'VAPOR DIFFUSION, HANGING DROP' 
_exptl_crystal_grow.method_ref      ? 
_exptl_crystal_grow.pH              ? 
_exptl_crystal_grow.pressure        ? 
_exptl_crystal_grow.pressure_esd    ? 
_exptl_crystal_grow.seeding         ? 
_exptl_crystal_grow.seeding_ref     ? 
_exptl_crystal_grow.temp            293 
_exptl_crystal_grow.temp_details    ? 
_exptl_crystal_grow.temp_esd        ? 
_exptl_crystal_grow.time            ? 
_exptl_crystal_grow.pdbx_details    '0.5 M ammonium sulfate, 0.1 M Na cacodylate pH 6.4, 1.0 M lithium sulfate' 
_exptl_crystal_grow.pdbx_pH_range   ? 
# 
_diffrn.ambient_environment    ? 
_diffrn.ambient_temp           100 
_diffrn.ambient_temp_details   ? 
_diffrn.ambient_temp_esd       ? 
_diffrn.crystal_id             1 
_diffrn.crystal_support        ? 
_diffrn.crystal_treatment      ? 
_diffrn.details                ? 
_diffrn.id                     1 
_diffrn.ambient_pressure       ? 
_diffrn.ambient_pressure_esd   ? 
_diffrn.ambient_pressure_gt    ? 
_diffrn.ambient_pressure_lt    ? 
_diffrn.ambient_temp_gt        ? 
_diffrn.ambient_temp_lt        ? 
# 
_diffrn_detector.details                      ? 
_diffrn_detector.detector                     CCD 
_diffrn_detector.diffrn_id                    1 
_diffrn_detector.type                         'RIGAKU SATURN 92' 
_diffrn_detector.area_resol_mean              ? 
_diffrn_detector.dtime                        ? 
_diffrn_detector.pdbx_frames_total            ? 
_diffrn_detector.pdbx_collection_time_total   ? 
_diffrn_detector.pdbx_collection_date         2012-09-04 
# 
_diffrn_radiation.collimation                      ? 
_diffrn_radiation.diffrn_id                        1 
_diffrn_radiation.filter_edge                      ? 
_diffrn_radiation.inhomogeneity                    ? 
_diffrn_radiation.monochromator                    ? 
_diffrn_radiation.polarisn_norm                    ? 
_diffrn_radiation.polarisn_ratio                   ? 
_diffrn_radiation.probe                            ? 
_diffrn_radiation.type                             ? 
_diffrn_radiation.xray_symbol                      ? 
_diffrn_radiation.wavelength_id                    1 
_diffrn_radiation.pdbx_monochromatic_or_laue_m_l   M 
_diffrn_radiation.pdbx_wavelength_list             ? 
_diffrn_radiation.pdbx_wavelength                  ? 
_diffrn_radiation.pdbx_diffrn_protocol             'SINGLE WAVELENGTH' 
_diffrn_radiation.pdbx_analyzer                    ? 
_diffrn_radiation.pdbx_scattering_type             x-ray 
# 
_diffrn_radiation_wavelength.id           1 
_diffrn_radiation_wavelength.wavelength   1.54 
_diffrn_radiation_wavelength.wt           1.0 
# 
_diffrn_source.current                     ? 
_diffrn_source.details                     ? 
_diffrn_source.diffrn_id                   1 
_diffrn_source.power                       ? 
_diffrn_source.size                        ? 
_diffrn_source.source                      'ROTATING ANODE' 
_diffrn_source.target                      ? 
_diffrn_source.type                        'RIGAKU MICROMAX-007 HF' 
_diffrn_source.voltage                     ? 
_diffrn_source.take-off_angle              ? 
_diffrn_source.pdbx_wavelength_list        1.54 
_diffrn_source.pdbx_wavelength             ? 
_diffrn_source.pdbx_synchrotron_beamline   ? 
_diffrn_source.pdbx_synchrotron_site       ? 
# 
_reflns.B_iso_Wilson_estimate            ? 
_reflns.entry_id                         5UZN 
_reflns.data_reduction_details           ? 
_reflns.data_reduction_method            ? 
_reflns.d_resolution_high                1.99 
_reflns.d_resolution_low                 50 
_reflns.details                          ? 
_reflns.limit_h_max                      ? 
_reflns.limit_h_min                      ? 
_reflns.limit_k_max                      ? 
_reflns.limit_k_min                      ? 
_reflns.limit_l_max                      ? 
_reflns.limit_l_min                      ? 
_reflns.number_all                       ? 
_reflns.number_obs                       6462 
_reflns.observed_criterion               ? 
_reflns.observed_criterion_F_max         ? 
_reflns.observed_criterion_F_min         ? 
_reflns.observed_criterion_I_max         ? 
_reflns.observed_criterion_I_min         ? 
_reflns.observed_criterion_sigma_F       ? 
_reflns.observed_criterion_sigma_I       ? 
_reflns.percent_possible_obs             95.9 
_reflns.R_free_details                   ? 
_reflns.Rmerge_F_all                     ? 
_reflns.Rmerge_F_obs                     ? 
_reflns.Friedel_coverage                 ? 
_reflns.number_gt                        ? 
_reflns.threshold_expression             ? 
_reflns.pdbx_redundancy                  12.5 
_reflns.pdbx_Rmerge_I_obs                0.062 
_reflns.pdbx_Rmerge_I_all                ? 
_reflns.pdbx_Rsym_value                  ? 
_reflns.pdbx_netI_over_av_sigmaI         ? 
_reflns.pdbx_netI_over_sigmaI            32.4 
_reflns.pdbx_res_netI_over_av_sigmaI_2   ? 
_reflns.pdbx_res_netI_over_sigmaI_2      ? 
_reflns.pdbx_chi_squared                 ? 
_reflns.pdbx_scaling_rejects             ? 
_reflns.pdbx_d_res_high_opt              ? 
_reflns.pdbx_d_res_low_opt               ? 
_reflns.pdbx_d_res_opt_method            ? 
_reflns.phase_calculation_details        ? 
_reflns.pdbx_Rrim_I_all                  ? 
_reflns.pdbx_Rpim_I_all                  ? 
_reflns.pdbx_d_opt                       ? 
_reflns.pdbx_number_measured_all         ? 
_reflns.pdbx_diffrn_id                   1 
_reflns.pdbx_ordinal                     1 
_reflns.pdbx_CC_half                     ? 
_reflns.pdbx_R_split                     ? 
# 
_reflns_shell.d_res_high                  . 
_reflns_shell.d_res_low                   ? 
_reflns_shell.meanI_over_sigI_all         ? 
_reflns_shell.meanI_over_sigI_obs         ? 
_reflns_shell.number_measured_all         ? 
_reflns_shell.number_measured_obs         ? 
_reflns_shell.number_possible             ? 
_reflns_shell.number_unique_all           ? 
_reflns_shell.number_unique_obs           ? 
_reflns_shell.percent_possible_all        ? 
_reflns_shell.percent_possible_obs        ? 
_reflns_shell.Rmerge_F_all                ? 
_reflns_shell.Rmerge_F_obs                ? 
_reflns_shell.Rmerge_I_all                ? 
_reflns_shell.Rmerge_I_obs                ? 
_reflns_shell.meanI_over_sigI_gt          ? 
_reflns_shell.meanI_over_uI_all           ? 
_reflns_shell.meanI_over_uI_gt            ? 
_reflns_shell.number_measured_gt          ? 
_reflns_shell.number_unique_gt            ? 
_reflns_shell.percent_possible_gt         ? 
_reflns_shell.Rmerge_F_gt                 ? 
_reflns_shell.Rmerge_I_gt                 ? 
_reflns_shell.pdbx_redundancy             ? 
_reflns_shell.pdbx_Rsym_value             ? 
_reflns_shell.pdbx_chi_squared            ? 
_reflns_shell.pdbx_netI_over_sigmaI_all   ? 
_reflns_shell.pdbx_netI_over_sigmaI_obs   ? 
_reflns_shell.pdbx_Rrim_I_all             ? 
_reflns_shell.pdbx_Rpim_I_all             ? 
_reflns_shell.pdbx_rejects                ? 
_reflns_shell.pdbx_ordinal                1 
_reflns_shell.pdbx_diffrn_id              1 
_reflns_shell.pdbx_CC_half                ? 
_reflns_shell.pdbx_R_split                ? 
# 
_refine.aniso_B[1][1]                            ? 
_refine.aniso_B[1][2]                            ? 
_refine.aniso_B[1][3]                            ? 
_refine.aniso_B[2][2]                            ? 
_refine.aniso_B[2][3]                            ? 
_refine.aniso_B[3][3]                            ? 
_refine.B_iso_max                                ? 
_refine.B_iso_mean                               ? 
_refine.B_iso_min                                ? 
_refine.correlation_coeff_Fo_to_Fc               ? 
_refine.correlation_coeff_Fo_to_Fc_free          ? 
_refine.details                                  ? 
_refine.diff_density_max                         ? 
_refine.diff_density_max_esd                     ? 
_refine.diff_density_min                         ? 
_refine.diff_density_min_esd                     ? 
_refine.diff_density_rms                         ? 
_refine.diff_density_rms_esd                     ? 
_refine.entry_id                                 5UZN 
_refine.pdbx_refine_id                           'X-RAY DIFFRACTION' 
_refine.ls_abs_structure_details                 ? 
_refine.ls_abs_structure_Flack                   ? 
_refine.ls_abs_structure_Flack_esd               ? 
_refine.ls_abs_structure_Rogers                  ? 
_refine.ls_abs_structure_Rogers_esd              ? 
_refine.ls_d_res_high                            1.99 
_refine.ls_d_res_low                             24.809 
_refine.ls_extinction_coef                       ? 
_refine.ls_extinction_coef_esd                   ? 
_refine.ls_extinction_expression                 ? 
_refine.ls_extinction_method                     ? 
_refine.ls_goodness_of_fit_all                   ? 
_refine.ls_goodness_of_fit_all_esd               ? 
_refine.ls_goodness_of_fit_obs                   ? 
_refine.ls_goodness_of_fit_obs_esd               ? 
_refine.ls_hydrogen_treatment                    ? 
_refine.ls_matrix_type                           ? 
_refine.ls_number_constraints                    ? 
_refine.ls_number_parameters                     ? 
_refine.ls_number_reflns_all                     ? 
_refine.ls_number_reflns_obs                     6311 
_refine.ls_number_reflns_R_free                  292 
_refine.ls_number_reflns_R_work                  ? 
_refine.ls_number_restraints                     ? 
_refine.ls_percent_reflns_obs                    94.11 
_refine.ls_percent_reflns_R_free                 4.63 
_refine.ls_R_factor_all                          ? 
_refine.ls_R_factor_obs                          0.2213 
_refine.ls_R_factor_R_free                       0.2599 
_refine.ls_R_factor_R_free_error                 ? 
_refine.ls_R_factor_R_free_error_details         ? 
_refine.ls_R_factor_R_work                       0.2195 
_refine.ls_R_Fsqd_factor_obs                     ? 
_refine.ls_R_I_factor_obs                        ? 
_refine.ls_redundancy_reflns_all                 ? 
_refine.ls_redundancy_reflns_obs                 ? 
_refine.ls_restrained_S_all                      ? 
_refine.ls_restrained_S_obs                      ? 
_refine.ls_shift_over_esd_max                    ? 
_refine.ls_shift_over_esd_mean                   ? 
_refine.ls_structure_factor_coef                 ? 
_refine.ls_weighting_details                     ? 
_refine.ls_weighting_scheme                      ? 
_refine.ls_wR_factor_all                         ? 
_refine.ls_wR_factor_obs                         ? 
_refine.ls_wR_factor_R_free                      ? 
_refine.ls_wR_factor_R_work                      ? 
_refine.occupancy_max                            ? 
_refine.occupancy_min                            ? 
_refine.solvent_model_details                    ? 
_refine.solvent_model_param_bsol                 ? 
_refine.solvent_model_param_ksol                 ? 
_refine.ls_R_factor_gt                           ? 
_refine.ls_goodness_of_fit_gt                    ? 
_refine.ls_goodness_of_fit_ref                   ? 
_refine.ls_shift_over_su_max                     ? 
_refine.ls_shift_over_su_max_lt                  ? 
_refine.ls_shift_over_su_mean                    ? 
_refine.ls_shift_over_su_mean_lt                 ? 
_refine.pdbx_ls_sigma_I                          ? 
_refine.pdbx_ls_sigma_F                          0.69 
_refine.pdbx_ls_sigma_Fsqd                       ? 
_refine.pdbx_data_cutoff_high_absF               ? 
_refine.pdbx_data_cutoff_high_rms_absF           ? 
_refine.pdbx_data_cutoff_low_absF                ? 
_refine.pdbx_isotropic_thermal_model             ? 
_refine.pdbx_ls_cross_valid_method               NONE 
_refine.pdbx_method_to_determine_struct          'MOLECULAR REPLACEMENT' 
_refine.pdbx_starting_model                      2KG1 
_refine.pdbx_stereochemistry_target_values       ? 
_refine.pdbx_R_Free_selection_details            ? 
_refine.pdbx_stereochem_target_val_spec_case     ? 
_refine.pdbx_overall_ESU_R                       ? 
_refine.pdbx_overall_ESU_R_Free                  ? 
_refine.pdbx_solvent_vdw_probe_radii             1.11 
_refine.pdbx_solvent_ion_probe_radii             ? 
_refine.pdbx_solvent_shrinkage_radii             0.90 
_refine.pdbx_real_space_R                        ? 
_refine.pdbx_density_correlation                 ? 
_refine.pdbx_pd_number_of_powder_patterns        ? 
_refine.pdbx_pd_number_of_points                 ? 
_refine.pdbx_pd_meas_number_of_points            ? 
_refine.pdbx_pd_proc_ls_prof_R_factor            ? 
_refine.pdbx_pd_proc_ls_prof_wR_factor           ? 
_refine.pdbx_pd_Marquardt_correlation_coeff      ? 
_refine.pdbx_pd_Fsqrd_R_factor                   ? 
_refine.pdbx_pd_ls_matrix_band_width             ? 
_refine.pdbx_overall_phase_error                 19.50 
_refine.pdbx_overall_SU_R_free_Cruickshank_DPI   ? 
_refine.pdbx_overall_SU_R_free_Blow_DPI          ? 
_refine.pdbx_overall_SU_R_Blow_DPI               ? 
_refine.pdbx_TLS_residual_ADP_flag               ? 
_refine.pdbx_diffrn_id                           1 
_refine.overall_SU_B                             ? 
_refine.overall_SU_ML                            0.18 
_refine.overall_SU_R_Cruickshank_DPI             ? 
_refine.overall_SU_R_free                        ? 
_refine.overall_FOM_free_R_set                   ? 
_refine.overall_FOM_work_R_set                   ? 
_refine.pdbx_average_fsc_overall                 ? 
_refine.pdbx_average_fsc_work                    ? 
_refine.pdbx_average_fsc_free                    ? 
# 
_refine_hist.pdbx_refine_id                   'X-RAY DIFFRACTION' 
_refine_hist.cycle_id                         LAST 
_refine_hist.pdbx_number_atoms_protein        676 
_refine_hist.pdbx_number_atoms_nucleic_acid   0 
_refine_hist.pdbx_number_atoms_ligand         23 
_refine_hist.number_atoms_solvent             33 
_refine_hist.number_atoms_total               732 
_refine_hist.d_res_high                       1.99 
_refine_hist.d_res_low                        24.809 
# 
loop_
_refine_ls_restr.pdbx_refine_id 
_refine_ls_restr.criterion 
_refine_ls_restr.dev_ideal 
_refine_ls_restr.dev_ideal_target 
_refine_ls_restr.number 
_refine_ls_restr.rejects 
_refine_ls_restr.type 
_refine_ls_restr.weight 
_refine_ls_restr.pdbx_restraint_function 
'X-RAY DIFFRACTION' ? 0.010  ? 725 ? f_bond_d           ? ? 
'X-RAY DIFFRACTION' ? 1.229  ? 973 ? f_angle_d          ? ? 
'X-RAY DIFFRACTION' ? 28.930 ? 270 ? f_dihedral_angle_d ? ? 
'X-RAY DIFFRACTION' ? 0.077  ? 92  ? f_chiral_restr     ? ? 
'X-RAY DIFFRACTION' ? 0.006  ? 124 ? f_plane_restr      ? ? 
# 
loop_
_refine_ls_shell.pdbx_refine_id 
_refine_ls_shell.d_res_high 
_refine_ls_shell.d_res_low 
_refine_ls_shell.number_reflns_all 
_refine_ls_shell.number_reflns_obs 
_refine_ls_shell.number_reflns_R_free 
_refine_ls_shell.number_reflns_R_work 
_refine_ls_shell.percent_reflns_obs 
_refine_ls_shell.percent_reflns_R_free 
_refine_ls_shell.R_factor_all 
_refine_ls_shell.R_factor_obs 
_refine_ls_shell.R_factor_R_free 
_refine_ls_shell.R_factor_R_free_error 
_refine_ls_shell.R_factor_R_work 
_refine_ls_shell.redundancy_reflns_all 
_refine_ls_shell.redundancy_reflns_obs 
_refine_ls_shell.wR_factor_all 
_refine_ls_shell.wR_factor_obs 
_refine_ls_shell.wR_factor_R_free 
_refine_ls_shell.wR_factor_R_work 
_refine_ls_shell.pdbx_total_number_of_bins_used 
_refine_ls_shell.pdbx_phase_error 
_refine_ls_shell.pdbx_fsc_work 
_refine_ls_shell.pdbx_fsc_free 
'X-RAY DIFFRACTION' 1.9884 2.5048  . . 157 2865 93.00 . . . 0.3246 . 0.2306 . . . . . . . . . . 
'X-RAY DIFFRACTION' 2.5048 24.8106 . . 135 3154 96.00 . . . 0.2314 . 0.2158 . . . . . . . . . . 
# 
_struct.entry_id                     5UZN 
_struct.title                        'Crystal structure of Glorund qRRM3 domain' 
_struct.pdbx_model_details           ? 
_struct.pdbx_formula_weight          ? 
_struct.pdbx_formula_weight_method   ? 
_struct.pdbx_model_type_details      ? 
_struct.pdbx_CASP_flag               N 
# 
_struct_keywords.entry_id        5UZN 
_struct_keywords.text            'quasi-RNA recognition motif, qRRM, RNA BINDING PROTEIN' 
_struct_keywords.pdbx_keywords   'RNA BINDING PROTEIN' 
# 
loop_
_struct_asym.id 
_struct_asym.pdbx_blank_PDB_chainid_flag 
_struct_asym.pdbx_modified 
_struct_asym.entity_id 
_struct_asym.details 
A N N 1 ? 
B N N 2 ? 
C N N 2 ? 
D N N 2 ? 
E N N 3 ? 
F N N 4 ? 
# 
loop_
_struct_conf.conf_type_id 
_struct_conf.id 
_struct_conf.pdbx_PDB_helix_id 
_struct_conf.beg_label_comp_id 
_struct_conf.beg_label_asym_id 
_struct_conf.beg_label_seq_id 
_struct_conf.pdbx_beg_PDB_ins_code 
_struct_conf.end_label_comp_id 
_struct_conf.end_label_asym_id 
_struct_conf.end_label_seq_id 
_struct_conf.pdbx_end_PDB_ins_code 
_struct_conf.beg_auth_comp_id 
_struct_conf.beg_auth_asym_id 
_struct_conf.beg_auth_seq_id 
_struct_conf.end_auth_comp_id 
_struct_conf.end_auth_asym_id 
_struct_conf.end_auth_seq_id 
_struct_conf.pdbx_PDB_helix_class 
_struct_conf.details 
_struct_conf.pdbx_PDB_helix_length 
HELX_P HELX_P1 AA1 PHE A 23 ? GLU A 32 ? PHE A 493 GLU A 502 1 ? 10 
HELX_P HELX_P2 AA2 THR A 59 ? ARG A 69 ? THR A 529 ARG A 539 1 ? 11 
# 
_struct_conf_type.id          HELX_P 
_struct_conf_type.criteria    ? 
_struct_conf_type.reference   ? 
# 
_struct_mon_prot_cis.pdbx_id                1 
_struct_mon_prot_cis.label_comp_id          GLU 
_struct_mon_prot_cis.label_seq_id           32 
_struct_mon_prot_cis.label_asym_id          A 
_struct_mon_prot_cis.label_alt_id           . 
_struct_mon_prot_cis.pdbx_PDB_ins_code      ? 
_struct_mon_prot_cis.auth_comp_id           GLU 
_struct_mon_prot_cis.auth_seq_id            502 
_struct_mon_prot_cis.auth_asym_id           A 
_struct_mon_prot_cis.pdbx_label_comp_id_2   PRO 
_struct_mon_prot_cis.pdbx_label_seq_id_2    33 
_struct_mon_prot_cis.pdbx_label_asym_id_2   A 
_struct_mon_prot_cis.pdbx_PDB_ins_code_2    ? 
_struct_mon_prot_cis.pdbx_auth_comp_id_2    PRO 
_struct_mon_prot_cis.pdbx_auth_seq_id_2     503 
_struct_mon_prot_cis.pdbx_auth_asym_id_2    A 
_struct_mon_prot_cis.pdbx_PDB_model_num     1 
_struct_mon_prot_cis.pdbx_omega_angle       4.07 
# 
_struct_sheet.id               AA1 
_struct_sheet.type             ? 
_struct_sheet.number_strands   4 
_struct_sheet.details          ? 
# 
loop_
_struct_sheet_order.sheet_id 
_struct_sheet_order.range_id_1 
_struct_sheet_order.range_id_2 
_struct_sheet_order.offset 
_struct_sheet_order.sense 
AA1 1 2 ? anti-parallel 
AA1 2 3 ? anti-parallel 
AA1 3 4 ? anti-parallel 
# 
loop_
_struct_sheet_range.sheet_id 
_struct_sheet_range.id 
_struct_sheet_range.beg_label_comp_id 
_struct_sheet_range.beg_label_asym_id 
_struct_sheet_range.beg_label_seq_id 
_struct_sheet_range.pdbx_beg_PDB_ins_code 
_struct_sheet_range.end_label_comp_id 
_struct_sheet_range.end_label_asym_id 
_struct_sheet_range.end_label_seq_id 
_struct_sheet_range.pdbx_end_PDB_ins_code 
_struct_sheet_range.beg_auth_comp_id 
_struct_sheet_range.beg_auth_asym_id 
_struct_sheet_range.beg_auth_seq_id 
_struct_sheet_range.end_auth_comp_id 
_struct_sheet_range.end_auth_asym_id 
_struct_sheet_range.end_auth_seq_id 
AA1 1 ASN A 38 ? TYR A 43 ? ASN A 508 TYR A 513 
AA1 2 HIS A 49 ? PHE A 57 ? HIS A 519 PHE A 527 
AA1 3 TYR A 11 ? ARG A 16 ? TYR A 481 ARG A 486 
AA1 4 GLU A 80 ? LYS A 86 ? GLU A 550 LYS A 556 
# 
loop_
_pdbx_struct_sheet_hbond.sheet_id 
_pdbx_struct_sheet_hbond.range_id_1 
_pdbx_struct_sheet_hbond.range_id_2 
_pdbx_struct_sheet_hbond.range_1_label_atom_id 
_pdbx_struct_sheet_hbond.range_1_label_comp_id 
_pdbx_struct_sheet_hbond.range_1_label_asym_id 
_pdbx_struct_sheet_hbond.range_1_label_seq_id 
_pdbx_struct_sheet_hbond.range_1_PDB_ins_code 
_pdbx_struct_sheet_hbond.range_1_auth_atom_id 
_pdbx_struct_sheet_hbond.range_1_auth_comp_id 
_pdbx_struct_sheet_hbond.range_1_auth_asym_id 
_pdbx_struct_sheet_hbond.range_1_auth_seq_id 
_pdbx_struct_sheet_hbond.range_2_label_atom_id 
_pdbx_struct_sheet_hbond.range_2_label_comp_id 
_pdbx_struct_sheet_hbond.range_2_label_asym_id 
_pdbx_struct_sheet_hbond.range_2_label_seq_id 
_pdbx_struct_sheet_hbond.range_2_PDB_ins_code 
_pdbx_struct_sheet_hbond.range_2_auth_atom_id 
_pdbx_struct_sheet_hbond.range_2_auth_comp_id 
_pdbx_struct_sheet_hbond.range_2_auth_asym_id 
_pdbx_struct_sheet_hbond.range_2_auth_seq_id 
AA1 1 2 N ARG A 40 ? N ARG A 510 O ASP A 54 ? O ASP A 524 
AA1 2 3 O ALA A 53 ? O ALA A 523 N MET A 15 ? N MET A 485 
AA1 3 4 N HIS A 14 ? N HIS A 484 O PHE A 82 ? O PHE A 552 
# 
loop_
_struct_site.id 
_struct_site.pdbx_evidence_code 
_struct_site.pdbx_auth_asym_id 
_struct_site.pdbx_auth_comp_id 
_struct_site.pdbx_auth_seq_id 
_struct_site.pdbx_auth_ins_code 
_struct_site.pdbx_num_residues 
_struct_site.details 
AC1 Software A GOL 601 ? 5 'binding site for residue GOL A 601' 
AC2 Software A GOL 602 ? 1 'binding site for residue GOL A 602' 
AC3 Software A GOL 603 ? 5 'binding site for residue GOL A 603' 
AC4 Software A SO4 604 ? 7 'binding site for residue SO4 A 604' 
# 
loop_
_struct_site_gen.id 
_struct_site_gen.site_id 
_struct_site_gen.pdbx_num_res 
_struct_site_gen.label_comp_id 
_struct_site_gen.label_asym_id 
_struct_site_gen.label_seq_id 
_struct_site_gen.pdbx_auth_ins_code 
_struct_site_gen.auth_comp_id 
_struct_site_gen.auth_asym_id 
_struct_site_gen.auth_seq_id 
_struct_site_gen.label_atom_id 
_struct_site_gen.label_alt_id 
_struct_site_gen.symmetry 
_struct_site_gen.details 
1  AC1 5 LYS A 46 ? LYS A 516 . ? 4_555 ? 
2  AC1 5 MET A 67 ? MET A 537 . ? 1_555 ? 
3  AC1 5 HIS A 70 ? HIS A 540 . ? 1_555 ? 
4  AC1 5 ILE A 79 ? ILE A 549 . ? 1_555 ? 
5  AC1 5 LEU A 81 ? LEU A 551 . ? 1_555 ? 
6  AC2 1 TYR A 56 ? TYR A 526 . ? 1_555 ? 
7  AC3 5 PHE A 23 ? PHE A 493 . ? 2_655 ? 
8  AC3 5 GLU A 24 ? GLU A 494 . ? 2_655 ? 
9  AC3 5 LYS A 45 ? LYS A 515 . ? 1_555 ? 
10 AC3 5 SO4 E .  ? SO4 A 604 . ? 4_554 ? 
11 AC3 5 HOH F .  ? HOH A 726 . ? 1_555 ? 
12 AC4 7 LYS A 45 ? LYS A 515 . ? 3_545 ? 
13 AC4 7 GLY A 85 ? GLY A 555 . ? 1_555 ? 
14 AC4 7 LYS A 86 ? LYS A 556 . ? 1_555 ? 
15 AC4 7 GOL D .  ? GOL A 603 . ? 3_545 ? 
16 AC4 7 HOH F .  ? HOH A 703 . ? 2_655 ? 
17 AC4 7 HOH F .  ? HOH A 720 . ? 1_555 ? 
18 AC4 7 HOH F .  ? HOH A 729 . ? 1_555 ? 
# 
_atom_sites.entry_id                    5UZN 
_atom_sites.fract_transf_matrix[1][1]   -0.00056857 
_atom_sites.fract_transf_matrix[1][2]   0.00046343 
_atom_sites.fract_transf_matrix[1][3]   -0.01801107 
_atom_sites.fract_transf_matrix[2][1]   -0.00533724 
_atom_sites.fract_transf_matrix[2][2]   -0.01721555 
_atom_sites.fract_transf_matrix[2][3]   -0.00027448 
_atom_sites.fract_transf_matrix[3][1]   -0.01626421 
_atom_sites.fract_transf_matrix[3][2]   0.00503205 
_atom_sites.fract_transf_matrix[3][3]   0.00064291 
_atom_sites.fract_transf_vector[1]      0.328954 
_atom_sites.fract_transf_vector[2]      0.043218 
_atom_sites.fract_transf_vector[3]      0.074542 
# 
loop_
_atom_type.symbol 
C 
N 
O 
S 
# 
loop_
_atom_site.group_PDB 
_atom_site.id 
_atom_site.type_symbol 
_atom_site.label_atom_id 
_atom_site.label_alt_id 
_atom_site.label_comp_id 
_atom_site.label_asym_id 
_atom_site.label_entity_id 
_atom_site.label_seq_id 
_atom_site.pdbx_PDB_ins_code 
_atom_site.Cartn_x 
_atom_site.Cartn_y 
_atom_site.Cartn_z 
_atom_site.occupancy 
_atom_site.B_iso_or_equiv 
_atom_site.pdbx_formal_charge 
_atom_site.auth_seq_id 
_atom_site.auth_comp_id 
_atom_site.auth_asym_id 
_atom_site.auth_atom_id 
_atom_site.pdbx_PDB_model_num 
ATOM   1   N N   . ILE A 1 8  ? -5.050  -16.851 -8.417  1.00 56.22 ? 478 ILE A N   1 
ATOM   2   C CA  . ILE A 1 8  ? -5.744  -16.141 -7.346  1.00 55.21 ? 478 ILE A CA  1 
ATOM   3   C C   . ILE A 1 8  ? -5.843  -14.656 -7.688  1.00 48.27 ? 478 ILE A C   1 
ATOM   4   O O   . ILE A 1 8  ? -4.889  -14.055 -8.194  1.00 51.17 ? 478 ILE A O   1 
ATOM   5   C CB  . ILE A 1 8  ? -5.046  -16.364 -5.982  1.00 58.81 ? 478 ILE A CB  1 
ATOM   6   C CG1 . ILE A 1 8  ? -5.139  -17.836 -5.557  1.00 61.18 ? 478 ILE A CG1 1 
ATOM   7   C CG2 . ILE A 1 8  ? -5.626  -15.445 -4.916  1.00 52.66 ? 478 ILE A CG2 1 
ATOM   8   C CD1 . ILE A 1 8  ? -4.353  -18.161 -4.291  1.00 54.81 ? 478 ILE A CD1 1 
ATOM   9   N N   . GLU A 1 9  ? -7.008  -14.075 -7.422  1.00 43.80 ? 479 GLU A N   1 
ATOM   10  C CA  . GLU A 1 9  ? -7.286  -12.677 -7.705  1.00 46.59 ? 479 GLU A CA  1 
ATOM   11  C C   . GLU A 1 9  ? -7.270  -11.871 -6.409  1.00 36.97 ? 479 GLU A C   1 
ATOM   12  O O   . GLU A 1 9  ? -7.802  -12.308 -5.391  1.00 33.91 ? 479 GLU A O   1 
ATOM   13  C CB  . GLU A 1 9  ? -8.647  -12.539 -8.395  1.00 49.04 ? 479 GLU A CB  1 
ATOM   14  C CG  . GLU A 1 9  ? -9.721  -13.402 -7.730  1.00 56.77 ? 479 GLU A CG  1 
ATOM   15  C CD  . GLU A 1 9  ? -11.071 -13.366 -8.435  1.00 66.03 ? 479 GLU A CD  1 
ATOM   16  O OE1 . GLU A 1 9  ? -11.083 -13.213 -9.668  1.00 68.64 ? 479 GLU A OE1 1 
ATOM   17  O OE2 . GLU A 1 9  ? -12.096 -13.494 -7.737  1.00 72.02 ? 479 GLU A OE2 1 
ATOM   18  N N   . TYR A 1 10 ? -6.670  -10.694 -6.456  1.00 35.21 ? 480 TYR A N   1 
ATOM   19  C CA  . TYR A 1 10 ? -6.548  -9.846  -5.282  1.00 28.11 ? 480 TYR A CA  1 
ATOM   20  C C   . TYR A 1 10 ? -7.244  -8.513  -5.527  1.00 26.86 ? 480 TYR A C   1 
ATOM   21  O O   . TYR A 1 10 ? -7.521  -8.134  -6.666  1.00 32.69 ? 480 TYR A O   1 
ATOM   22  C CB  . TYR A 1 10 ? -5.075  -9.613  -4.920  1.00 29.28 ? 480 TYR A CB  1 
ATOM   23  C CG  . TYR A 1 10 ? -4.322  -10.889 -4.601  1.00 27.99 ? 480 TYR A CG  1 
ATOM   24  C CD1 . TYR A 1 10 ? -4.450  -11.513 -3.363  1.00 34.45 ? 480 TYR A CD1 1 
ATOM   25  C CD2 . TYR A 1 10 ? -3.497  -11.472 -5.539  1.00 38.98 ? 480 TYR A CD2 1 
ATOM   26  C CE1 . TYR A 1 10 ? -3.755  -12.677 -3.072  1.00 35.19 ? 480 TYR A CE1 1 
ATOM   27  C CE2 . TYR A 1 10 ? -2.800  -12.630 -5.258  1.00 39.82 ? 480 TYR A CE2 1 
ATOM   28  C CZ  . TYR A 1 10 ? -2.936  -13.230 -4.027  1.00 45.38 ? 480 TYR A CZ  1 
ATOM   29  O OH  . TYR A 1 10 ? -2.243  -14.386 -3.756  1.00 54.03 ? 480 TYR A OH  1 
ATOM   30  N N   . TYR A 1 11 ? -7.572  -7.826  -4.439  1.00 19.25 ? 481 TYR A N   1 
ATOM   31  C CA  . TYR A 1 11 ? -8.196  -6.508  -4.509  1.00 27.50 ? 481 TYR A CA  1 
ATOM   32  C C   . TYR A 1 11 ? -7.161  -5.452  -4.136  1.00 25.83 ? 481 TYR A C   1 
ATOM   33  O O   . TYR A 1 11 ? -6.593  -5.487  -3.036  1.00 23.12 ? 481 TYR A O   1 
ATOM   34  C CB  . TYR A 1 11 ? -9.408  -6.438  -3.589  1.00 19.27 ? 481 TYR A CB  1 
ATOM   35  C CG  . TYR A 1 11 ? -10.431 -7.497  -3.924  1.00 24.25 ? 481 TYR A CG  1 
ATOM   36  C CD1 . TYR A 1 11 ? -10.314 -8.797  -3.427  1.00 25.96 ? 481 TYR A CD1 1 
ATOM   37  C CD2 . TYR A 1 11 ? -11.510 -7.202  -4.746  1.00 25.65 ? 481 TYR A CD2 1 
ATOM   38  C CE1 . TYR A 1 11 ? -11.243 -9.769  -3.741  1.00 29.28 ? 481 TYR A CE1 1 
ATOM   39  C CE2 . TYR A 1 11 ? -12.456 -8.177  -5.070  1.00 29.81 ? 481 TYR A CE2 1 
ATOM   40  C CZ  . TYR A 1 11 ? -12.313 -9.458  -4.561  1.00 34.91 ? 481 TYR A CZ  1 
ATOM   41  O OH  . TYR A 1 11 ? -13.238 -10.431 -4.874  1.00 41.96 ? 481 TYR A OH  1 
ATOM   42  N N   . THR A 1 12 ? -6.938  -4.506  -5.037  1.00 20.96 ? 482 THR A N   1 
ATOM   43  C CA  . THR A 1 12 ? -5.714  -3.716  -5.054  1.00 15.30 ? 482 THR A CA  1 
ATOM   44  C C   . THR A 1 12 ? -5.945  -2.276  -4.613  1.00 22.32 ? 482 THR A C   1 
ATOM   45  O O   . THR A 1 12 ? -6.878  -1.610  -5.086  1.00 19.62 ? 482 THR A O   1 
ATOM   46  C CB  . THR A 1 12 ? -5.123  -3.737  -6.453  1.00 24.07 ? 482 THR A CB  1 
ATOM   47  O OG1 . THR A 1 12 ? -4.935  -5.098  -6.815  1.00 27.81 ? 482 THR A OG1 1 
ATOM   48  C CG2 . THR A 1 12 ? -3.793  -3.005  -6.483  1.00 30.78 ? 482 THR A CG2 1 
ATOM   49  N N   . ILE A 1 13 ? -5.067  -1.795  -3.738  1.00 24.40 ? 483 ILE A N   1 
ATOM   50  C CA  . ILE A 1 13 ? -4.998  -0.391  -3.347  1.00 16.52 ? 483 ILE A CA  1 
ATOM   51  C C   . ILE A 1 13 ? -3.652  0.140   -3.813  1.00 22.05 ? 483 ILE A C   1 
ATOM   52  O O   . ILE A 1 13 ? -2.603  -0.334  -3.353  1.00 18.72 ? 483 ILE A O   1 
ATOM   53  C CB  . ILE A 1 13 ? -5.151  -0.216  -1.836  1.00 19.06 ? 483 ILE A CB  1 
ATOM   54  C CG1 . ILE A 1 13 ? -6.529  -0.680  -1.362  1.00 18.93 ? 483 ILE A CG1 1 
ATOM   55  C CG2 . ILE A 1 13 ? -4.929  1.239   -1.446  1.00 17.71 ? 483 ILE A CG2 1 
ATOM   56  C CD1 . ILE A 1 13 ? -6.709  -0.424  0.129   1.00 14.08 ? 483 ILE A CD1 1 
ATOM   57  N N   . HIS A 1 14 ? -3.682  1.091   -4.746  1.00 18.67 ? 484 HIS A N   1 
ATOM   58  C CA  . HIS A 1 14 ? -2.481  1.745   -5.235  1.00 13.49 ? 484 HIS A CA  1 
ATOM   59  C C   . HIS A 1 14 ? -2.194  2.928   -4.329  1.00 20.56 ? 484 HIS A C   1 
ATOM   60  O O   . HIS A 1 14 ? -3.114  3.607   -3.876  1.00 17.59 ? 484 HIS A O   1 
ATOM   61  C CB  . HIS A 1 14 ? -2.656  2.196   -6.695  1.00 18.69 ? 484 HIS A CB  1 
ATOM   62  C CG  . HIS A 1 14 ? -1.443  2.865   -7.257  1.00 20.23 ? 484 HIS A CG  1 
ATOM   63  N ND1 . HIS A 1 14 ? -0.231  2.218   -7.381  1.00 22.83 ? 484 HIS A ND1 1 
ATOM   64  C CD2 . HIS A 1 14 ? -1.239  4.137   -7.685  1.00 23.21 ? 484 HIS A CD2 1 
ATOM   65  C CE1 . HIS A 1 14 ? 0.667   3.060   -7.872  1.00 29.60 ? 484 HIS A CE1 1 
ATOM   66  N NE2 . HIS A 1 14 ? 0.083   4.230   -8.063  1.00 21.15 ? 484 HIS A NE2 1 
ATOM   67  N N   . MET A 1 15 ? -0.918  3.131   -4.006  1.00 18.32 ? 485 MET A N   1 
ATOM   68  C CA  . MET A 1 15 ? -0.522  4.098   -2.991  1.00 18.61 ? 485 MET A CA  1 
ATOM   69  C C   . MET A 1 15 ? 0.459   5.084   -3.597  1.00 12.19 ? 485 MET A C   1 
ATOM   70  O O   . MET A 1 15 ? 1.388   4.683   -4.287  1.00 17.70 ? 485 MET A O   1 
ATOM   71  C CB  . MET A 1 15 ? 0.108   3.401   -1.765  1.00 15.88 ? 485 MET A CB  1 
ATOM   72  C CG  . MET A 1 15 ? -0.664  2.196   -1.243  1.00 16.85 ? 485 MET A CG  1 
ATOM   73  S SD  . MET A 1 15 ? 0.223   1.226   -0.012  1.00 17.97 ? 485 MET A SD  1 
ATOM   74  C CE  . MET A 1 15 ? 0.114   2.349   1.392   1.00 15.07 ? 485 MET A CE  1 
ATOM   75  N N   . ARG A 1 16 ? 0.254   6.372   -3.355  1.00 13.31 ? 486 ARG A N   1 
ATOM   76  C CA  . ARG A 1 16 ? 1.225   7.376   -3.757  1.00 13.55 ? 486 ARG A CA  1 
ATOM   77  C C   . ARG A 1 16 ? 1.695   8.191   -2.559  1.00 22.43 ? 486 ARG A C   1 
ATOM   78  O O   . ARG A 1 16 ? 1.005   8.284   -1.537  1.00 18.00 ? 486 ARG A O   1 
ATOM   79  C CB  . ARG A 1 16 ? 0.646   8.298   -4.832  1.00 19.71 ? 486 ARG A CB  1 
ATOM   80  C CG  . ARG A 1 16 ? 0.254   7.544   -6.093  1.00 21.85 ? 486 ARG A CG  1 
ATOM   81  C CD  . ARG A 1 16 ? -0.294  8.470   -7.156  1.00 19.78 ? 486 ARG A CD  1 
ATOM   82  N NE  . ARG A 1 16 ? 0.764   9.074   -7.943  1.00 42.01 ? 486 ARG A NE  1 
ATOM   83  C CZ  . ARG A 1 16 ? 1.381   8.431   -8.928  1.00 34.60 ? 486 ARG A CZ  1 
ATOM   84  N NH1 . ARG A 1 16 ? 1.028   7.172   -9.220  1.00 33.65 ? 486 ARG A NH1 1 
ATOM   85  N NH2 . ARG A 1 16 ? 2.323   9.044   -9.630  1.00 40.89 ? 486 ARG A NH2 1 
ATOM   86  N N   . GLY A 1 17 ? 2.884   8.773   -2.693  1.00 19.19 ? 487 GLY A N   1 
ATOM   87  C CA  . GLY A 1 17 ? 3.426   9.619   -1.646  1.00 21.51 ? 487 GLY A CA  1 
ATOM   88  C C   . GLY A 1 17 ? 4.243   8.917   -0.588  1.00 29.06 ? 487 GLY A C   1 
ATOM   89  O O   . GLY A 1 17 ? 4.489   9.510   0.464   1.00 22.40 ? 487 GLY A O   1 
ATOM   90  N N   . LEU A 1 18 ? 4.666   7.678   -0.820  1.00 16.87 ? 488 LEU A N   1 
ATOM   91  C CA  . LEU A 1 18 ? 5.468   6.995   0.190   1.00 16.88 ? 488 LEU A CA  1 
ATOM   92  C C   . LEU A 1 18 ? 6.823   7.677   0.289   1.00 21.42 ? 488 LEU A C   1 
ATOM   93  O O   . LEU A 1 18 ? 7.349   8.131   -0.731  1.00 21.19 ? 488 LEU A O   1 
ATOM   94  C CB  . LEU A 1 18 ? 5.698   5.519   -0.166  1.00 17.50 ? 488 LEU A CB  1 
ATOM   95  C CG  . LEU A 1 18 ? 4.670   4.454   0.180   1.00 16.91 ? 488 LEU A CG  1 
ATOM   96  C CD1 . LEU A 1 18 ? 3.413   4.674   -0.624  1.00 16.39 ? 488 LEU A CD1 1 
ATOM   97  C CD2 . LEU A 1 18 ? 5.278   3.072   -0.076  1.00 18.40 ? 488 LEU A CD2 1 
ATOM   98  N N   . PRO A 1 19 ? 7.418   7.738   1.484   1.00 20.36 ? 489 PRO A N   1 
ATOM   99  C CA  . PRO A 1 19 ? 8.823   8.151   1.598   1.00 26.19 ? 489 PRO A CA  1 
ATOM   100 C C   . PRO A 1 19 ? 9.749   7.110   0.983   1.00 24.79 ? 489 PRO A C   1 
ATOM   101 O O   . PRO A 1 19 ? 9.455   5.919   0.979   1.00 16.93 ? 489 PRO A O   1 
ATOM   102 C CB  . PRO A 1 19 ? 9.051   8.241   3.114   1.00 23.36 ? 489 PRO A CB  1 
ATOM   103 C CG  . PRO A 1 19 ? 7.707   8.060   3.765   1.00 25.73 ? 489 PRO A CG  1 
ATOM   104 C CD  . PRO A 1 19 ? 6.820   7.378   2.781   1.00 22.93 ? 489 PRO A CD  1 
ATOM   105 N N   . TYR A 1 20 ? 10.906  7.559   0.498   1.00 24.99 ? 490 TYR A N   1 
ATOM   106 C CA  A TYR A 1 20 ? 11.828  6.619   -0.128  0.53 24.79 ? 490 TYR A CA  1 
ATOM   107 C CA  B TYR A 1 20 ? 11.840  6.627   -0.125  0.47 24.79 ? 490 TYR A CA  1 
ATOM   108 C C   . TYR A 1 20 ? 12.501  5.701   0.885   1.00 25.11 ? 490 TYR A C   1 
ATOM   109 O O   . TYR A 1 20 ? 13.195  4.757   0.481   1.00 28.68 ? 490 TYR A O   1 
ATOM   110 C CB  A TYR A 1 20 ? 12.855  7.393   -0.955  0.53 25.45 ? 490 TYR A CB  1 
ATOM   111 C CB  B TYR A 1 20 ? 12.879  7.405   -0.943  0.47 25.46 ? 490 TYR A CB  1 
ATOM   112 C CG  A TYR A 1 20 ? 12.241  8.267   -2.050  0.53 24.16 ? 490 TYR A CG  1 
ATOM   113 C CG  B TYR A 1 20 ? 14.067  7.946   -0.172  0.47 27.93 ? 490 TYR A CG  1 
ATOM   114 C CD1 A TYR A 1 20 ? 11.029  7.925   -2.648  0.53 23.63 ? 490 TYR A CD1 1 
ATOM   115 C CD1 B TYR A 1 20 ? 13.914  8.939   0.788   0.47 34.24 ? 490 TYR A CD1 1 
ATOM   116 C CD2 A TYR A 1 20 ? 12.873  9.431   -2.483  0.53 31.64 ? 490 TYR A CD2 1 
ATOM   117 C CD2 B TYR A 1 20 ? 15.349  7.495   -0.445  0.47 23.51 ? 490 TYR A CD2 1 
ATOM   118 C CE1 A TYR A 1 20 ? 10.469  8.714   -3.642  0.53 20.47 ? 490 TYR A CE1 1 
ATOM   119 C CE1 B TYR A 1 20 ? 15.000  9.431   1.476   0.47 18.58 ? 490 TYR A CE1 1 
ATOM   120 C CE2 A TYR A 1 20 ? 12.319  10.225  -3.487  0.53 28.88 ? 490 TYR A CE2 1 
ATOM   121 C CE2 B TYR A 1 20 ? 16.436  7.977   0.240   0.47 26.53 ? 490 TYR A CE2 1 
ATOM   122 C CZ  A TYR A 1 20 ? 11.112  9.857   -4.057  0.53 28.95 ? 490 TYR A CZ  1 
ATOM   123 C CZ  B TYR A 1 20 ? 16.265  8.937   1.199   0.47 26.05 ? 490 TYR A CZ  1 
ATOM   124 O OH  A TYR A 1 20 ? 10.545  10.638  -5.045  0.53 28.92 ? 490 TYR A OH  1 
ATOM   125 O OH  B TYR A 1 20 ? 17.365  9.411   1.872   0.47 26.65 ? 490 TYR A OH  1 
ATOM   126 N N   . THR A 1 21 ? 12.293  5.926   2.184   1.00 21.65 ? 491 THR A N   1 
ATOM   127 C CA  . THR A 1 21 ? 12.738  4.995   3.212   1.00 23.84 ? 491 THR A CA  1 
ATOM   128 C C   . THR A 1 21 ? 11.651  4.021   3.657   1.00 17.57 ? 491 THR A C   1 
ATOM   129 O O   . THR A 1 21 ? 11.888  3.234   4.569   1.00 21.62 ? 491 THR A O   1 
ATOM   130 C CB  . THR A 1 21 ? 13.258  5.747   4.451   1.00 28.72 ? 491 THR A CB  1 
ATOM   131 O OG1 . THR A 1 21 ? 12.333  6.774   4.822   1.00 22.22 ? 491 THR A OG1 1 
ATOM   132 C CG2 . THR A 1 21 ? 14.602  6.362   4.176   1.00 30.42 ? 491 THR A CG2 1 
ATOM   133 N N   . SER A 1 22 ? 10.470  4.033   3.047   1.00 18.87 ? 492 SER A N   1 
ATOM   134 C CA  . SER A 1 22 ? 9.392   3.139   3.472   1.00 17.59 ? 492 SER A CA  1 
ATOM   135 C C   . SER A 1 22 ? 9.285   1.935   2.542   1.00 27.61 ? 492 SER A C   1 
ATOM   136 O O   . SER A 1 22 ? 9.097   2.094   1.330   1.00 23.85 ? 492 SER A O   1 
ATOM   137 C CB  . SER A 1 22 ? 8.062   3.883   3.524   1.00 24.08 ? 492 SER A CB  1 
ATOM   138 O OG  . SER A 1 22 ? 8.008   4.708   4.676   1.00 27.40 ? 492 SER A OG  1 
ATOM   139 N N   . PHE A 1 23 ? 9.374   0.735   3.115   1.00 18.24 ? 493 PHE A N   1 
ATOM   140 C CA  . PHE A 1 23 ? 9.329   -0.475  2.315   1.00 25.29 ? 493 PHE A CA  1 
ATOM   141 C C   . PHE A 1 23 ? 8.148   -1.327  2.727   1.00 21.63 ? 493 PHE A C   1 
ATOM   142 O O   . PHE A 1 23 ? 7.170   -0.789  3.254   1.00 20.37 ? 493 PHE A O   1 
ATOM   143 C CB  . PHE A 1 23 ? 10.660  -1.202  2.435   1.00 29.17 ? 493 PHE A CB  1 
ATOM   144 C CG  . PHE A 1 23 ? 11.812  -0.353  2.005   1.00 29.95 ? 493 PHE A CG  1 
ATOM   145 C CD1 . PHE A 1 23 ? 12.055  -0.149  0.658   1.00 30.12 ? 493 PHE A CD1 1 
ATOM   146 C CD2 . PHE A 1 23 ? 12.615  0.296   2.944   1.00 27.07 ? 493 PHE A CD2 1 
ATOM   147 C CE1 . PHE A 1 23 ? 13.094  0.651   0.243   1.00 39.18 ? 493 PHE A CE1 1 
ATOM   148 C CE2 . PHE A 1 23 ? 13.654  1.109   2.535   1.00 34.86 ? 493 PHE A CE2 1 
ATOM   149 C CZ  . PHE A 1 23 ? 13.900  1.285   1.179   1.00 23.45 ? 493 PHE A CZ  1 
ATOM   150 N N   . GLU A 1 24 ? 8.210   -2.642  2.492   1.00 16.14 ? 494 GLU A N   1 
ATOM   151 C CA  . GLU A 1 24 ? 7.011   -3.455  2.674   1.00 19.37 ? 494 GLU A CA  1 
ATOM   152 C C   . GLU A 1 24 ? 6.506   -3.395  4.110   1.00 19.76 ? 494 GLU A C   1 
ATOM   153 O O   . GLU A 1 24 ? 5.304   -3.227  4.339   1.00 16.80 ? 494 GLU A O   1 
ATOM   154 C CB  . GLU A 1 24 ? 7.280   -4.900  2.247   1.00 23.46 ? 494 GLU A CB  1 
ATOM   155 C CG  . GLU A 1 24 ? 7.174   -5.085  0.718   1.00 29.60 ? 494 GLU A CG  1 
ATOM   156 C CD  . GLU A 1 24 ? 7.555   -6.477  0.228   1.00 33.15 ? 494 GLU A CD  1 
ATOM   157 O OE1 . GLU A 1 24 ? 8.334   -6.570  -0.749  1.00 39.68 ? 494 GLU A OE1 1 
ATOM   158 O OE2 . GLU A 1 24 ? 7.073   -7.477  0.802   1.00 39.78 ? 494 GLU A OE2 1 
ATOM   159 N N   . ASN A 1 25 ? 7.405   -3.520  5.099   1.00 17.48 ? 495 ASN A N   1 
ATOM   160 C CA  . ASN A 1 25 ? 6.928   -3.561  6.478   1.00 23.16 ? 495 ASN A CA  1 
ATOM   161 C C   . ASN A 1 25 ? 6.237   -2.265  6.877   1.00 18.02 ? 495 ASN A C   1 
ATOM   162 O O   . ASN A 1 25 ? 5.309   -2.294  7.689   1.00 23.53 ? 495 ASN A O   1 
ATOM   163 C CB  . ASN A 1 25 ? 8.073   -3.910  7.434   1.00 23.34 ? 495 ASN A CB  1 
ATOM   164 C CG  . ASN A 1 25 ? 8.403   -5.409  7.417   1.00 35.51 ? 495 ASN A CG  1 
ATOM   165 O OD1 . ASN A 1 25 ? 7.525   -6.260  7.197   1.00 34.58 ? 495 ASN A OD1 1 
ATOM   166 N ND2 . ASN A 1 25 ? 9.667   -5.735  7.631   1.00 35.56 ? 495 ASN A ND2 1 
ATOM   167 N N   . ASP A 1 26 ? 6.641   -1.124  6.305   1.00 18.24 ? 496 ASP A N   1 
ATOM   168 C CA  . ASP A 1 26 ? 5.912   0.115   6.578   1.00 17.55 ? 496 ASP A CA  1 
ATOM   169 C C   . ASP A 1 26 ? 4.504   0.094   5.984   1.00 16.09 ? 496 ASP A C   1 
ATOM   170 O O   . ASP A 1 26 ? 3.573   0.670   6.565   1.00 17.54 ? 496 ASP A O   1 
ATOM   171 C CB  . ASP A 1 26 ? 6.674   1.314   6.026   1.00 17.05 ? 496 ASP A CB  1 
ATOM   172 C CG  . ASP A 1 26 ? 7.537   1.985   7.064   1.00 31.88 ? 496 ASP A CG  1 
ATOM   173 O OD1 . ASP A 1 26 ? 7.800   1.356   8.102   1.00 29.79 ? 496 ASP A OD1 1 
ATOM   174 O OD2 . ASP A 1 26 ? 7.944   3.147   6.838   1.00 30.59 ? 496 ASP A OD2 1 
ATOM   175 N N   . VAL A 1 27 ? 4.325   -0.524  4.815   1.00 17.50 ? 497 VAL A N   1 
ATOM   176 C CA  . VAL A 1 27 ? 2.969   -0.642  4.279   1.00 15.35 ? 497 VAL A CA  1 
ATOM   177 C C   . VAL A 1 27 ? 2.130   -1.528  5.184   1.00 21.40 ? 497 VAL A C   1 
ATOM   178 O O   . VAL A 1 27 ? 1.002   -1.174  5.548   1.00 17.86 ? 497 VAL A O   1 
ATOM   179 C CB  . VAL A 1 27 ? 2.998   -1.149  2.823   1.00 19.24 ? 497 VAL A CB  1 
ATOM   180 C CG1 . VAL A 1 27 ? 1.582   -1.303  2.265   1.00 12.38 ? 497 VAL A CG1 1 
ATOM   181 C CG2 . VAL A 1 27 ? 3.710   -0.131  1.962   1.00 14.88 ? 497 VAL A CG2 1 
ATOM   182 N N   . PHE A 1 28 ? 2.661   -2.656  5.607   1.00 22.04 ? 498 PHE A N   1 
ATOM   183 C CA  . PHE A 1 28 ? 1.938   -3.509  6.514   1.00 19.87 ? 498 PHE A CA  1 
ATOM   184 C C   . PHE A 1 28 ? 1.563   -2.721  7.774   1.00 22.20 ? 498 PHE A C   1 
ATOM   185 O O   . PHE A 1 28 ? 0.468   -2.782  8.210   1.00 22.23 ? 498 PHE A O   1 
ATOM   186 C CB  . PHE A 1 28 ? 2.719   -4.791  6.821   1.00 27.02 ? 498 PHE A CB  1 
ATOM   187 C CG  . PHE A 1 28 ? 2.646   -5.849  5.734   1.00 24.60 ? 498 PHE A CG  1 
ATOM   188 C CD1 . PHE A 1 28 ? 1.514   -6.537  5.499   1.00 25.15 ? 498 PHE A CD1 1 
ATOM   189 C CD2 . PHE A 1 28 ? 3.739   -6.153  4.973   1.00 28.56 ? 498 PHE A CD2 1 
ATOM   190 C CE1 . PHE A 1 28 ? 1.456   -7.515  4.526   1.00 38.46 ? 498 PHE A CE1 1 
ATOM   191 C CE2 . PHE A 1 28 ? 3.693   -7.121  4.001   1.00 28.26 ? 498 PHE A CE2 1 
ATOM   192 C CZ  . PHE A 1 28 ? 2.537   -7.799  3.776   1.00 22.77 ? 498 PHE A CZ  1 
ATOM   193 N N   . LYS A 1 29 ? 2.466   -1.924  8.327   1.00 21.27 ? 499 LYS A N   1 
ATOM   194 C CA  . LYS A 1 29 ? 2.144   -1.154  9.532   1.00 19.58 ? 499 LYS A CA  1 
ATOM   195 C C   . LYS A 1 29 ? 1.056   -0.129  9.270   1.00 19.94 ? 499 LYS A C   1 
ATOM   196 O O   . LYS A 1 29 ? 0.248   0.170   10.159  1.00 21.24 ? 499 LYS A O   1 
ATOM   197 C CB  . LYS A 1 29 ? 3.390   -0.443  10.065  1.00 32.57 ? 499 LYS A CB  1 
ATOM   198 C CG  . LYS A 1 29 ? 4.425   -1.371  10.679  1.00 30.00 ? 499 LYS A CG  1 
ATOM   199 C CD  . LYS A 1 29 ? 5.650   -0.589  11.154  1.00 44.17 ? 499 LYS A CD  1 
ATOM   200 C CE  . LYS A 1 29 ? 6.725   -1.514  11.727  1.00 39.35 ? 499 LYS A CE  1 
ATOM   201 N NZ  . LYS A 1 29 ? 7.969   -0.771  12.105  1.00 46.29 ? 499 LYS A NZ  1 
ATOM   202 N N   . PHE A 1 30 ? 1.022   0.406   8.051   1.00 22.80 ? 500 PHE A N   1 
ATOM   203 C CA  . PHE A 1 30 ? 0.060   1.433   7.674   1.00 20.26 ? 500 PHE A CA  1 
ATOM   204 C C   . PHE A 1 30 ? -1.370  0.901   7.713   1.00 17.91 ? 500 PHE A C   1 
ATOM   205 O O   . PHE A 1 30 ? -2.284  1.604   8.152   1.00 17.22 ? 500 PHE A O   1 
ATOM   206 C CB  . PHE A 1 30 ? 0.426   1.968   6.284   1.00 16.31 ? 500 PHE A CB  1 
ATOM   207 C CG  . PHE A 1 30 ? -0.433  3.119   5.824   1.00 20.58 ? 500 PHE A CG  1 
ATOM   208 C CD1 . PHE A 1 30 ? -0.141  4.415   6.214   1.00 19.98 ? 500 PHE A CD1 1 
ATOM   209 C CD2 . PHE A 1 30 ? -1.548  2.899   5.036   1.00 20.05 ? 500 PHE A CD2 1 
ATOM   210 C CE1 . PHE A 1 30 ? -0.925  5.465   5.806   1.00 18.90 ? 500 PHE A CE1 1 
ATOM   211 C CE2 . PHE A 1 30 ? -2.327  3.961   4.612   1.00 21.26 ? 500 PHE A CE2 1 
ATOM   212 C CZ  . PHE A 1 30 ? -2.010  5.245   5.007   1.00 19.49 ? 500 PHE A CZ  1 
ATOM   213 N N   . PHE A 1 31 ? -1.582  -0.343  7.287   1.00 18.60 ? 501 PHE A N   1 
ATOM   214 C CA  . PHE A 1 31 ? -2.924  -0.906  7.217   1.00 16.67 ? 501 PHE A CA  1 
ATOM   215 C C   . PHE A 1 31 ? -3.295  -1.768  8.416   1.00 27.32 ? 501 PHE A C   1 
ATOM   216 O O   . PHE A 1 31 ? -4.390  -2.341  8.427   1.00 18.76 ? 501 PHE A O   1 
ATOM   217 C CB  . PHE A 1 31 ? -3.083  -1.743  5.943   1.00 22.94 ? 501 PHE A CB  1 
ATOM   218 C CG  . PHE A 1 31 ? -3.057  -0.939  4.682   1.00 19.89 ? 501 PHE A CG  1 
ATOM   219 C CD1 . PHE A 1 31 ? -4.061  -0.013  4.414   1.00 19.61 ? 501 PHE A CD1 1 
ATOM   220 C CD2 . PHE A 1 31 ? -2.044  -1.115  3.764   1.00 18.75 ? 501 PHE A CD2 1 
ATOM   221 C CE1 . PHE A 1 31 ? -4.043  0.720   3.255   1.00 13.61 ? 501 PHE A CE1 1 
ATOM   222 C CE2 . PHE A 1 31 ? -2.020  -0.391  2.594   1.00 18.92 ? 501 PHE A CE2 1 
ATOM   223 C CZ  . PHE A 1 31 ? -3.015  0.535   2.345   1.00 18.84 ? 501 PHE A CZ  1 
ATOM   224 N N   . GLU A 1 32 ? -2.422  -1.910  9.409   1.00 23.91 ? 502 GLU A N   1 
ATOM   225 C CA  . GLU A 1 32 ? -2.739  -2.835  10.490  1.00 25.05 ? 502 GLU A CA  1 
ATOM   226 C C   . GLU A 1 32 ? -3.952  -2.284  11.227  1.00 18.47 ? 502 GLU A C   1 
ATOM   227 O O   . GLU A 1 32 ? -4.106  -1.074  11.324  1.00 26.18 ? 502 GLU A O   1 
ATOM   228 C CB  . GLU A 1 32 ? -1.541  -3.024  11.439  1.00 28.10 ? 502 GLU A CB  1 
ATOM   229 C CG  . GLU A 1 32 ? -1.260  -1.827  12.314  1.00 43.78 ? 502 GLU A CG  1 
ATOM   230 C CD  . GLU A 1 32 ? 0.087   -1.903  13.001  1.00 50.86 ? 502 GLU A CD  1 
ATOM   231 O OE1 . GLU A 1 32 ? 0.389   -0.971  13.777  1.00 56.95 ? 502 GLU A OE1 1 
ATOM   232 O OE2 . GLU A 1 32 ? 0.846   -2.873  12.750  1.00 38.33 ? 502 GLU A OE2 1 
ATOM   233 N N   . PRO A 1 33 ? -4.824  -3.160  11.759  1.00 27.18 ? 503 PRO A N   1 
ATOM   234 C CA  . PRO A 1 33 ? -4.780  -4.631  11.826  1.00 28.79 ? 503 PRO A CA  1 
ATOM   235 C C   . PRO A 1 33 ? -5.073  -5.331  10.521  1.00 27.17 ? 503 PRO A C   1 
ATOM   236 O O   . PRO A 1 33 ? -4.908  -6.549  10.418  1.00 25.92 ? 503 PRO A O   1 
ATOM   237 C CB  . PRO A 1 33 ? -5.881  -4.968  12.839  1.00 34.15 ? 503 PRO A CB  1 
ATOM   238 C CG  . PRO A 1 33 ? -6.851  -3.857  12.693  1.00 37.00 ? 503 PRO A CG  1 
ATOM   239 C CD  . PRO A 1 33 ? -6.026  -2.626  12.424  1.00 23.52 ? 503 PRO A CD  1 
ATOM   240 N N   . ILE A 1 34 ? -5.501  -4.593  9.525   1.00 24.46 ? 504 ILE A N   1 
ATOM   241 C CA  . ILE A 1 34 ? -5.876  -5.218  8.268   1.00 24.44 ? 504 ILE A CA  1 
ATOM   242 C C   . ILE A 1 34 ? -4.621  -5.610  7.507   1.00 35.84 ? 504 ILE A C   1 
ATOM   243 O O   . ILE A 1 34 ? -3.628  -4.877  7.415   1.00 29.46 ? 504 ILE A O   1 
ATOM   244 C CB  . ILE A 1 34 ? -6.790  -4.306  7.437   1.00 31.44 ? 504 ILE A CB  1 
ATOM   245 C CG1 . ILE A 1 34 ? -8.137  -4.131  8.148   1.00 31.56 ? 504 ILE A CG1 1 
ATOM   246 C CG2 . ILE A 1 34 ? -7.037  -4.923  6.070   1.00 35.44 ? 504 ILE A CG2 1 
ATOM   247 C CD1 . ILE A 1 34 ? -8.985  -5.373  8.125   1.00 30.03 ? 504 ILE A CD1 1 
ATOM   248 N N   . ARG A 1 35 ? -4.590  -6.872  7.120   1.00 28.98 ? 505 ARG A N   1 
ATOM   249 C CA  . ARG A 1 35 ? -3.445  -7.500  6.510   1.00 24.89 ? 505 ARG A CA  1 
ATOM   250 C C   . ARG A 1 35 ? -3.465  -7.817  5.063   1.00 23.51 ? 505 ARG A C   1 
ATOM   251 O O   . ARG A 1 35 ? -4.052  -8.744  4.646   1.00 23.99 ? 505 ARG A O   1 
ATOM   252 C CB  . ARG A 1 35 ? -3.204  -8.829  7.210   1.00 54.67 ? 505 ARG A CB  1 
ATOM   253 C CG  . ARG A 1 35 ? -1.873  -9.031  7.879   1.00 49.11 ? 505 ARG A CG  1 
ATOM   254 C CD  . ARG A 1 35 ? -2.007  -9.835  9.178   1.00 51.76 ? 505 ARG A CD  1 
ATOM   255 N NE  . ARG A 1 35 ? -3.041  -10.881 9.219   1.00 63.36 ? 505 ARG A NE  1 
ATOM   256 C CZ  . ARG A 1 35 ? -4.055  -10.891 10.062  1.00 59.50 ? 505 ARG A CZ  1 
ATOM   257 N NH1 . ARG A 1 35 ? -4.192  -9.921  10.934  1.00 63.02 ? 505 ARG A NH1 1 
ATOM   258 N NH2 . ARG A 1 35 ? -4.944  -11.858 10.031  1.00 56.26 ? 505 ARG A NH2 1 
ATOM   259 N N   . PRO A 1 36 ? -2.803  -7.022  4.289   1.00 22.17 ? 506 PRO A N   1 
ATOM   260 C CA  . PRO A 1 36 ? -2.652  -7.353  2.866   1.00 23.70 ? 506 PRO A CA  1 
ATOM   261 C C   . PRO A 1 36 ? -1.963  -8.699  2.698   1.00 27.62 ? 506 PRO A C   1 
ATOM   262 O O   . PRO A 1 36 ? -1.109  -9.095  3.495   1.00 23.78 ? 506 PRO A O   1 
ATOM   263 C CB  . PRO A 1 36 ? -1.795  -6.203  2.301   1.00 17.67 ? 506 PRO A CB  1 
ATOM   264 C CG  . PRO A 1 36 ? -1.234  -5.531  3.446   1.00 32.37 ? 506 PRO A CG  1 
ATOM   265 C CD  . PRO A 1 36 ? -2.167  -5.730  4.606   1.00 22.34 ? 506 PRO A CD  1 
ATOM   266 N N   . ALA A 1 37 ? -2.389  -9.435  1.677   1.00 20.72 ? 507 ALA A N   1 
ATOM   267 C CA  . ALA A 1 37 ? -1.714  -10.681 1.349   1.00 25.19 ? 507 ALA A CA  1 
ATOM   268 C C   . ALA A 1 37 ? -0.275  -10.413 0.947   1.00 33.55 ? 507 ALA A C   1 
ATOM   269 O O   . ALA A 1 37 ? 0.639   -11.125 1.372   1.00 31.35 ? 507 ALA A O   1 
ATOM   270 C CB  . ALA A 1 37 ? -2.456  -11.396 0.223   1.00 23.16 ? 507 ALA A CB  1 
ATOM   271 N N   . ASN A 1 38 ? -0.055  -9.361  0.163   1.00 20.24 ? 508 ASN A N   1 
ATOM   272 C CA  . ASN A 1 38 ? 1.266   -9.010  -0.332  1.00 24.36 ? 508 ASN A CA  1 
ATOM   273 C C   . ASN A 1 38 ? 1.303   -7.512  -0.591  1.00 30.78 ? 508 ASN A C   1 
ATOM   274 O O   . ASN A 1 38 ? 0.263   -6.861  -0.724  1.00 23.97 ? 508 ASN A O   1 
ATOM   275 C CB  . ASN A 1 38 ? 1.611   -9.765  -1.615  1.00 32.11 ? 508 ASN A CB  1 
ATOM   276 C CG  . ASN A 1 38 ? 1.963   -11.214 -1.363  1.00 45.17 ? 508 ASN A CG  1 
ATOM   277 O OD1 . ASN A 1 38 ? 2.807   -11.525 -0.516  1.00 44.38 ? 508 ASN A OD1 1 
ATOM   278 N ND2 . ASN A 1 38 ? 1.315   -12.114 -2.097  1.00 44.21 ? 508 ASN A ND2 1 
ATOM   279 N N   . VAL A 1 39 ? 2.525   -6.988  -0.666  1.00 26.86 ? 509 VAL A N   1 
ATOM   280 C CA  . VAL A 1 39 ? 2.821   -5.579  -0.900  1.00 19.77 ? 509 VAL A CA  1 
ATOM   281 C C   . VAL A 1 39 ? 3.943   -5.518  -1.916  1.00 18.76 ? 509 VAL A C   1 
ATOM   282 O O   . VAL A 1 39 ? 4.905   -6.283  -1.827  1.00 18.89 ? 509 VAL A O   1 
ATOM   283 C CB  . VAL A 1 39 ? 3.278   -4.839  0.376   1.00 14.15 ? 509 VAL A CB  1 
ATOM   284 C CG1 . VAL A 1 39 ? 3.808   -3.443  -0.007  1.00 21.27 ? 509 VAL A CG1 1 
ATOM   285 C CG2 . VAL A 1 39 ? 2.143   -4.752  1.379   1.00 16.27 ? 509 VAL A CG2 1 
ATOM   286 N N   . ARG A 1 40 ? 3.803   -4.637  -2.827  1.00 17.90 ? 510 ARG A N   1 
ATOM   287 C CA  . ARG A 1 40 ? 4.886   -4.381  -3.858  1.00 19.46 ? 510 ARG A CA  1 
ATOM   288 C C   . ARG A 1 40 ? 5.282   -2.808  -3.972  1.00 21.36 ? 510 ARG A C   1 
ATOM   289 O O   . ARG A 1 40 ? 4.542   -1.856  -4.338  1.00 21.73 ? 510 ARG A O   1 
ATOM   290 C CB  . ARG A 1 40 ? 4.425   -4.779  -5.259  1.00 25.34 ? 510 ARG A CB  1 
ATOM   291 C CG  . ARG A 1 40 ? 3.984   -6.217  -5.412  1.00 29.90 ? 510 ARG A CG  1 
ATOM   292 C CD  . ARG A 1 40 ? 4.067   -6.635  -6.880  1.00 26.89 ? 510 ARG A CD  1 
ATOM   293 N NE  . ARG A 1 40 ? 3.408   -5.684  -7.771  1.00 32.99 ? 510 ARG A NE  1 
ATOM   294 C CZ  . ARG A 1 40 ? 3.446   -5.759  -9.096  1.00 35.98 ? 510 ARG A CZ  1 
ATOM   295 N NH1 . ARG A 1 40 ? 2.819   -4.845  -9.829  1.00 25.56 ? 510 ARG A NH1 1 
ATOM   296 N NH2 . ARG A 1 40 ? 4.119   -6.745  -9.692  1.00 24.08 ? 510 ARG A NH2 1 
ATOM   297 N N   . ILE A 1 41 ? 6.497   -2.636  -3.480  1.00 19.03 ? 511 ILE A N   1 
ATOM   298 C CA  . ILE A 1 41 ? 7.053   -1.297  -3.613  1.00 12.69 ? 511 ILE A CA  1 
ATOM   299 C C   . ILE A 1 41 ? 7.510   -1.132  -5.050  1.00 19.30 ? 511 ILE A C   1 
ATOM   300 O O   . ILE A 1 41 ? 8.086   -2.064  -5.615  1.00 18.53 ? 511 ILE A O   1 
ATOM   301 C CB  . ILE A 1 41 ? 8.225   -1.120  -2.634  1.00 23.99 ? 511 ILE A CB  1 
ATOM   302 C CG1 . ILE A 1 41 ? 7.788   -1.452  -1.185  1.00 20.91 ? 511 ILE A CG1 1 
ATOM   303 C CG2 . ILE A 1 41 ? 8.855   0.253   -2.833  1.00 19.44 ? 511 ILE A CG2 1 
ATOM   304 C CD1 . ILE A 1 41 ? 6.649   -0.509  -0.577  1.00 12.78 ? 511 ILE A CD1 1 
ATOM   305 N N   . ASN A 1 42 ? 7.220   0.025   -5.665  1.00 16.66 ? 512 ASN A N   1 
ATOM   306 C CA  . ASN A 1 42 ? 7.618   0.300   -7.042  1.00 18.92 ? 512 ASN A CA  1 
ATOM   307 C C   . ASN A 1 42 ? 8.955   1.033   -7.098  1.00 25.61 ? 512 ASN A C   1 
ATOM   308 O O   . ASN A 1 42 ? 9.211   1.960   -6.322  1.00 20.71 ? 512 ASN A O   1 
ATOM   309 C CB  . ASN A 1 42 ? 6.554   1.131   -7.767  1.00 14.18 ? 512 ASN A CB  1 
ATOM   310 C CG  . ASN A 1 42 ? 5.283   0.358   -8.015  1.00 23.51 ? 512 ASN A CG  1 
ATOM   311 O OD1 . ASN A 1 42 ? 5.327   -0.812  -8.383  1.00 18.81 ? 512 ASN A OD1 1 
ATOM   312 N ND2 . ASN A 1 42 ? 4.139   0.997   -7.787  1.00 20.14 ? 512 ASN A ND2 1 
ATOM   313 N N   . TYR A 1 43 ? 9.799   0.618   -8.041  1.00 20.01 ? 513 TYR A N   1 
ATOM   314 C CA  . TYR A 1 43 ? 11.103  1.223   -8.281  1.00 27.30 ? 513 TYR A CA  1 
ATOM   315 C C   . TYR A 1 43 ? 11.224  1.570   -9.759  1.00 27.58 ? 513 TYR A C   1 
ATOM   316 O O   . TYR A 1 43 ? 10.435  1.112   -10.590 1.00 20.78 ? 513 TYR A O   1 
ATOM   317 C CB  . TYR A 1 43 ? 12.256  0.276   -7.879  1.00 23.27 ? 513 TYR A CB  1 
ATOM   318 C CG  . TYR A 1 43 ? 12.206  -0.259  -6.464  1.00 23.45 ? 513 TYR A CG  1 
ATOM   319 C CD1 . TYR A 1 43 ? 11.316  -1.260  -6.109  1.00 14.40 ? 513 TYR A CD1 1 
ATOM   320 C CD2 . TYR A 1 43 ? 13.073  0.224   -5.482  1.00 27.52 ? 513 TYR A CD2 1 
ATOM   321 C CE1 . TYR A 1 43 ? 11.279  -1.762  -4.814  1.00 19.67 ? 513 TYR A CE1 1 
ATOM   322 C CE2 . TYR A 1 43 ? 13.026  -0.265  -4.176  1.00 23.25 ? 513 TYR A CE2 1 
ATOM   323 C CZ  . TYR A 1 43 ? 12.128  -1.265  -3.856  1.00 31.06 ? 513 TYR A CZ  1 
ATOM   324 O OH  . TYR A 1 43 ? 12.044  -1.782  -2.576  1.00 36.79 ? 513 TYR A OH  1 
ATOM   325 N N   . ASN A 1 44 ? 12.227  2.381   -10.095 1.00 27.53 ? 514 ASN A N   1 
ATOM   326 C CA  . ASN A 1 44 ? 12.639  2.473   -11.495 1.00 28.47 ? 514 ASN A CA  1 
ATOM   327 C C   . ASN A 1 44 ? 13.592  1.322   -11.858 1.00 18.41 ? 514 ASN A C   1 
ATOM   328 O O   . ASN A 1 44 ? 13.922  0.459   -11.034 1.00 21.90 ? 514 ASN A O   1 
ATOM   329 C CB  . ASN A 1 44 ? 13.279  3.828   -11.781 1.00 34.85 ? 514 ASN A CB  1 
ATOM   330 C CG  . ASN A 1 44 ? 14.587  4.048   -11.023 1.00 34.43 ? 514 ASN A CG  1 
ATOM   331 O OD1 . ASN A 1 44 ? 15.263  3.108   -10.577 1.00 33.35 ? 514 ASN A OD1 1 
ATOM   332 N ND2 . ASN A 1 44 ? 14.951  5.308   -10.884 1.00 35.09 ? 514 ASN A ND2 1 
ATOM   333 N N   . LYS A 1 45 ? 14.064  1.307   -13.116 1.00 19.57 ? 515 LYS A N   1 
ATOM   334 C CA  . LYS A 1 45 ? 14.900  0.189   -13.562 1.00 27.21 ? 515 LYS A CA  1 
ATOM   335 C C   . LYS A 1 45 ? 16.299  0.176   -12.939 1.00 26.07 ? 515 LYS A C   1 
ATOM   336 O O   . LYS A 1 45 ? 17.017  -0.816  -13.112 1.00 23.79 ? 515 LYS A O   1 
ATOM   337 C CB  . LYS A 1 45 ? 15.029  0.174   -15.090 1.00 27.68 ? 515 LYS A CB  1 
ATOM   338 C CG  . LYS A 1 45 ? 15.940  1.252   -15.680 1.00 33.67 ? 515 LYS A CG  1 
ATOM   339 C CD  . LYS A 1 45 ? 15.912  1.174   -17.204 1.00 49.40 ? 515 LYS A CD  1 
ATOM   340 C CE  . LYS A 1 45 ? 16.765  2.240   -17.871 1.00 57.19 ? 515 LYS A CE  1 
ATOM   341 N NZ  . LYS A 1 45 ? 16.614  2.175   -19.361 1.00 36.36 ? 515 LYS A NZ  1 
ATOM   342 N N   . LYS A 1 46 ? 16.713  1.223   -12.228 1.00 28.11 ? 516 LYS A N   1 
ATOM   343 C CA  . LYS A 1 46 ? 18.006  1.218   -11.539 1.00 21.31 ? 516 LYS A CA  1 
ATOM   344 C C   . LYS A 1 46 ? 17.865  0.908   -10.051 1.00 27.90 ? 516 LYS A C   1 
ATOM   345 O O   . LYS A 1 46 ? 18.858  0.979   -9.301  1.00 22.53 ? 516 LYS A O   1 
ATOM   346 C CB  . LYS A 1 46 ? 18.730  2.557   -11.720 1.00 26.46 ? 516 LYS A CB  1 
ATOM   347 C CG  . LYS A 1 46 ? 19.043  2.993   -13.164 1.00 35.90 ? 516 LYS A CG  1 
ATOM   348 C CD  . LYS A 1 46 ? 19.838  1.950   -13.933 1.00 42.50 ? 516 LYS A CD  1 
ATOM   349 C CE  . LYS A 1 46 ? 20.780  2.606   -14.943 1.00 32.31 ? 516 LYS A CE  1 
ATOM   350 N NZ  . LYS A 1 46 ? 20.914  1.816   -16.217 1.00 29.55 ? 516 LYS A NZ  1 
ATOM   351 N N   . GLY A 1 47 ? 16.661  0.571   -9.604  1.00 22.75 ? 517 GLY A N   1 
ATOM   352 C CA  . GLY A 1 47 ? 16.454  0.196   -8.224  1.00 19.00 ? 517 GLY A CA  1 
ATOM   353 C C   . GLY A 1 47 ? 16.194  1.348   -7.281  1.00 24.38 ? 517 GLY A C   1 
ATOM   354 O O   . GLY A 1 47 ? 16.378  1.180   -6.075  1.00 29.91 ? 517 GLY A O   1 
ATOM   355 N N   . LEU A 1 48 ? 15.771  2.507   -7.788  1.00 21.93 ? 518 LEU A N   1 
ATOM   356 C CA  . LEU A 1 48 ? 15.414  3.651   -6.950  1.00 30.94 ? 518 LEU A CA  1 
ATOM   357 C C   . LEU A 1 48 ? 13.931  3.642   -6.606  1.00 31.32 ? 518 LEU A C   1 
ATOM   358 O O   . LEU A 1 48 ? 13.086  3.599   -7.509  1.00 23.28 ? 518 LEU A O   1 
ATOM   359 C CB  . LEU A 1 48 ? 15.743  4.963   -7.651  1.00 27.27 ? 518 LEU A CB  1 
ATOM   360 C CG  . LEU A 1 48 ? 17.197  5.232   -8.017  1.00 29.02 ? 518 LEU A CG  1 
ATOM   361 C CD1 . LEU A 1 48 ? 17.335  6.688   -8.430  1.00 27.42 ? 518 LEU A CD1 1 
ATOM   362 C CD2 . LEU A 1 48 ? 18.078  4.898   -6.829  1.00 31.02 ? 518 LEU A CD2 1 
ATOM   363 N N   . HIS A 1 49 ? 13.631  3.727   -5.305  1.00 28.74 ? 519 HIS A N   1 
ATOM   364 C CA  . HIS A 1 49 ? 12.262  3.853   -4.793  1.00 30.69 ? 519 HIS A CA  1 
ATOM   365 C C   . HIS A 1 49 ? 11.501  4.923   -5.567  1.00 27.38 ? 519 HIS A C   1 
ATOM   366 O O   . HIS A 1 49 ? 11.964  6.057   -5.699  1.00 22.17 ? 519 HIS A O   1 
ATOM   367 C CB  . HIS A 1 49 ? 12.319  4.210   -3.293  1.00 28.04 ? 519 HIS A CB  1 
ATOM   368 C CG  . HIS A 1 49 ? 11.088  3.861   -2.505  1.00 21.11 ? 519 HIS A CG  1 
ATOM   369 N ND1 . HIS A 1 49 ? 9.831   4.324   -2.825  1.00 30.48 ? 519 HIS A ND1 1 
ATOM   370 C CD2 . HIS A 1 49 ? 10.939  3.128   -1.372  1.00 19.49 ? 519 HIS A CD2 1 
ATOM   371 C CE1 . HIS A 1 49 ? 8.957   3.880   -1.933  1.00 29.20 ? 519 HIS A CE1 1 
ATOM   372 N NE2 . HIS A 1 49 ? 9.604   3.151   -1.040  1.00 26.96 ? 519 HIS A NE2 1 
ATOM   373 N N   . SER A 1 50 ? 10.333  4.562   -6.101  1.00 16.54 ? 520 SER A N   1 
ATOM   374 C CA  . SER A 1 50 ? 9.573   5.529   -6.883  1.00 17.07 ? 520 SER A CA  1 
ATOM   375 C C   . SER A 1 50 ? 8.554   6.303   -6.064  1.00 15.23 ? 520 SER A C   1 
ATOM   376 O O   . SER A 1 50 ? 7.884   7.186   -6.611  1.00 18.17 ? 520 SER A O   1 
ATOM   377 C CB  . SER A 1 50 ? 8.852   4.826   -8.036  1.00 28.41 ? 520 SER A CB  1 
ATOM   378 O OG  . SER A 1 50 ? 7.696   4.175   -7.535  1.00 38.21 ? 520 SER A OG  1 
ATOM   379 N N   . GLY A 1 51 ? 8.433   6.020   -4.772  1.00 19.03 ? 521 GLY A N   1 
ATOM   380 C CA  . GLY A 1 51 ? 7.426   6.698   -3.978  1.00 18.98 ? 521 GLY A CA  1 
ATOM   381 C C   . GLY A 1 51 ? 6.018   6.143   -4.090  1.00 22.65 ? 521 GLY A C   1 
ATOM   382 O O   . GLY A 1 51 ? 5.089   6.758   -3.563  1.00 18.52 ? 521 GLY A O   1 
ATOM   383 N N   . THR A 1 52 ? 5.814   5.016   -4.777  1.00 15.90 ? 522 THR A N   1 
ATOM   384 C CA  . THR A 1 52 ? 4.493   4.415   -4.885  1.00 12.87 ? 522 THR A CA  1 
ATOM   385 C C   . THR A 1 52 ? 4.588   2.924   -4.616  1.00 17.58 ? 522 THR A C   1 
ATOM   386 O O   . THR A 1 52 ? 5.671   2.339   -4.571  1.00 13.40 ? 522 THR A O   1 
ATOM   387 C CB  . THR A 1 52 ? 3.860   4.633   -6.268  1.00 26.58 ? 522 THR A CB  1 
ATOM   388 O OG1 . THR A 1 52 ? 4.510   3.785   -7.230  1.00 16.16 ? 522 THR A OG1 1 
ATOM   389 C CG2 . THR A 1 52 ? 3.976   6.077   -6.685  1.00 19.37 ? 522 THR A CG2 1 
ATOM   390 N N   . ALA A 1 53 ? 3.420   2.301   -4.465  1.00 13.87 ? 523 ALA A N   1 
ATOM   391 C CA  . ALA A 1 53 ? 3.362   0.910   -4.081  1.00 11.85 ? 523 ALA A CA  1 
ATOM   392 C C   . ALA A 1 53 ? 1.974   0.384   -4.379  1.00 17.89 ? 523 ALA A C   1 
ATOM   393 O O   . ALA A 1 53 ? 1.024   1.155   -4.555  1.00 16.71 ? 523 ALA A O   1 
ATOM   394 C CB  . ALA A 1 53 ? 3.659   0.723   -2.582  1.00 12.28 ? 523 ALA A CB  1 
ATOM   395 N N   . ASP A 1 54 ? 1.860   -0.945  -4.377  1.00 13.71 ? 524 ASP A N   1 
ATOM   396 C CA  . ASP A 1 54 ? 0.576   -1.643  -4.401  1.00 15.33 ? 524 ASP A CA  1 
ATOM   397 C C   . ASP A 1 54 ? 0.429   -2.535  -3.182  1.00 21.63 ? 524 ASP A C   1 
ATOM   398 O O   . ASP A 1 54 ? 1.382   -3.207  -2.779  1.00 25.69 ? 524 ASP A O   1 
ATOM   399 C CB  . ASP A 1 54 ? 0.425   -2.517  -5.638  1.00 20.76 ? 524 ASP A CB  1 
ATOM   400 C CG  . ASP A 1 54 ? 0.180   -1.718  -6.881  1.00 24.51 ? 524 ASP A CG  1 
ATOM   401 O OD1 . ASP A 1 54 ? -0.490  -0.664  -6.785  1.00 19.92 ? 524 ASP A OD1 1 
ATOM   402 O OD2 . ASP A 1 54 ? 0.663   -2.146  -7.954  1.00 29.81 ? 524 ASP A OD2 1 
ATOM   403 N N   . ALA A 1 55 ? -0.774  -2.554  -2.611  1.00 23.34 ? 525 ALA A N   1 
ATOM   404 C CA  . ALA A 1 55 ? -1.132  -3.474  -1.539  1.00 16.68 ? 525 ALA A CA  1 
ATOM   405 C C   . ALA A 1 55 ? -2.273  -4.335  -2.052  1.00 30.35 ? 525 ALA A C   1 
ATOM   406 O O   . ALA A 1 55 ? -3.267  -3.801  -2.560  1.00 19.66 ? 525 ALA A O   1 
ATOM   407 C CB  . ALA A 1 55 ? -1.529  -2.738  -0.243  1.00 16.19 ? 525 ALA A CB  1 
ATOM   408 N N   . TYR A 1 56 ? -2.103  -5.660  -1.940  1.00 22.86 ? 526 TYR A N   1 
ATOM   409 C CA  . TYR A 1 56 ? -3.012  -6.674  -2.484  1.00 21.85 ? 526 TYR A CA  1 
ATOM   410 C C   . TYR A 1 56 ? -3.715  -7.374  -1.333  1.00 17.25 ? 526 TYR A C   1 
ATOM   411 O O   . TYR A 1 56 ? -3.066  -8.043  -0.524  1.00 21.82 ? 526 TYR A O   1 
ATOM   412 C CB  . TYR A 1 56 ? -2.261  -7.701  -3.342  1.00 23.06 ? 526 TYR A CB  1 
ATOM   413 C CG  . TYR A 1 56 ? -1.621  -7.096  -4.572  1.00 26.81 ? 526 TYR A CG  1 
ATOM   414 C CD1 . TYR A 1 56 ? -2.381  -6.844  -5.697  1.00 33.31 ? 526 TYR A CD1 1 
ATOM   415 C CD2 . TYR A 1 56 ? -0.262  -6.772  -4.611  1.00 32.24 ? 526 TYR A CD2 1 
ATOM   416 C CE1 . TYR A 1 56 ? -1.838  -6.284  -6.828  1.00 37.21 ? 526 TYR A CE1 1 
ATOM   417 C CE2 . TYR A 1 56 ? 0.299   -6.202  -5.763  1.00 27.49 ? 526 TYR A CE2 1 
ATOM   418 C CZ  . TYR A 1 56 ? -0.503  -5.970  -6.866  1.00 35.43 ? 526 TYR A CZ  1 
ATOM   419 O OH  . TYR A 1 56 ? -0.015  -5.413  -8.029  1.00 35.04 ? 526 TYR A OH  1 
ATOM   420 N N   . PHE A 1 57 ? -5.029  -7.209  -1.252  1.00 17.48 ? 527 PHE A N   1 
ATOM   421 C CA  . PHE A 1 57 ? -5.817  -7.770  -0.164  1.00 18.92 ? 527 PHE A CA  1 
ATOM   422 C C   . PHE A 1 57 ? -6.549  -9.017  -0.627  1.00 24.91 ? 527 PHE A C   1 
ATOM   423 O O   . PHE A 1 57 ? -6.856  -9.180  -1.812  1.00 25.96 ? 527 PHE A O   1 
ATOM   424 C CB  . PHE A 1 57 ? -6.813  -6.739  0.384   1.00 23.98 ? 527 PHE A CB  1 
ATOM   425 C CG  . PHE A 1 57 ? -6.140  -5.528  0.964   1.00 21.63 ? 527 PHE A CG  1 
ATOM   426 C CD1 . PHE A 1 57 ? -5.723  -4.507  0.141   1.00 19.73 ? 527 PHE A CD1 1 
ATOM   427 C CD2 . PHE A 1 57 ? -5.878  -5.441  2.335   1.00 19.55 ? 527 PHE A CD2 1 
ATOM   428 C CE1 . PHE A 1 57 ? -5.065  -3.379  0.672   1.00 19.98 ? 527 PHE A CE1 1 
ATOM   429 C CE2 . PHE A 1 57 ? -5.239  -4.339  2.864   1.00 21.53 ? 527 PHE A CE2 1 
ATOM   430 C CZ  . PHE A 1 57 ? -4.828  -3.303  2.027   1.00 16.60 ? 527 PHE A CZ  1 
ATOM   431 N N   . ASP A 1 58 ? -6.830  -9.892  0.343   1.00 31.14 ? 528 ASP A N   1 
ATOM   432 C CA  . ASP A 1 58 ? -7.426  -11.192 0.059   1.00 30.76 ? 528 ASP A CA  1 
ATOM   433 C C   . ASP A 1 58 ? -8.872  -11.057 -0.406  1.00 25.23 ? 528 ASP A C   1 
ATOM   434 O O   . ASP A 1 58 ? -9.296  -11.772 -1.317  1.00 34.15 ? 528 ASP A O   1 
ATOM   435 C CB  . ASP A 1 58 ? -7.333  -12.089 1.307   1.00 27.33 ? 528 ASP A CB  1 
ATOM   436 C CG  . ASP A 1 58 ? -5.920  -12.599 1.562   1.00 25.09 ? 528 ASP A CG  1 
ATOM   437 O OD1 . ASP A 1 58 ? -5.270  -13.030 0.592   1.00 40.02 ? 528 ASP A OD1 1 
ATOM   438 O OD2 . ASP A 1 58 ? -5.462  -12.573 2.727   1.00 41.02 ? 528 ASP A OD2 1 
ATOM   439 N N   . THR A 1 59 ? -9.641  -10.148 0.196   1.00 32.36 ? 529 THR A N   1 
ATOM   440 C CA  . THR A 1 59 ? -11.061 -9.986  -0.112  1.00 30.55 ? 529 THR A CA  1 
ATOM   441 C C   . THR A 1 59 ? -11.399 -8.533  -0.423  1.00 23.44 ? 529 THR A C   1 
ATOM   442 O O   . THR A 1 59 ? -10.665 -7.606  -0.056  1.00 21.65 ? 529 THR A O   1 
ATOM   443 C CB  . THR A 1 59 ? -11.955 -10.419 1.054   1.00 22.37 ? 529 THR A CB  1 
ATOM   444 O OG1 . THR A 1 59 ? -11.669 -9.589  2.192   1.00 28.90 ? 529 THR A OG1 1 
ATOM   445 C CG2 . THR A 1 59 ? -11.712 -11.882 1.407   1.00 35.27 ? 529 THR A CG2 1 
ATOM   446 N N   . TYR A 1 60 ? -12.543 -8.348  -1.101  1.00 26.68 ? 530 TYR A N   1 
ATOM   447 C CA  . TYR A 1 60 ? -13.094 -7.005  -1.298  1.00 22.37 ? 530 TYR A CA  1 
ATOM   448 C C   . TYR A 1 60 ? -13.308 -6.311  0.034   1.00 22.88 ? 530 TYR A C   1 
ATOM   449 O O   . TYR A 1 60 ? -12.889 -5.164  0.228   1.00 25.70 ? 530 TYR A O   1 
ATOM   450 C CB  . TYR A 1 60 ? -14.417 -7.072  -2.077  1.00 20.38 ? 530 TYR A CB  1 
ATOM   451 C CG  . TYR A 1 60 ? -15.111 -5.710  -2.332  1.00 26.93 ? 530 TYR A CG  1 
ATOM   452 C CD1 . TYR A 1 60 ? -14.533 -4.757  -3.159  1.00 27.81 ? 530 TYR A CD1 1 
ATOM   453 C CD2 . TYR A 1 60 ? -16.353 -5.405  -1.769  1.00 29.48 ? 530 TYR A CD2 1 
ATOM   454 C CE1 . TYR A 1 60 ? -15.149 -3.526  -3.404  1.00 25.68 ? 530 TYR A CE1 1 
ATOM   455 C CE2 . TYR A 1 60 ? -16.990 -4.165  -2.023  1.00 21.88 ? 530 TYR A CE2 1 
ATOM   456 C CZ  . TYR A 1 60 ? -16.377 -3.239  -2.859  1.00 28.80 ? 530 TYR A CZ  1 
ATOM   457 O OH  . TYR A 1 60 ? -16.976 -2.008  -3.123  1.00 17.14 ? 530 TYR A OH  1 
ATOM   458 N N   . GLU A 1 61 ? -13.904 -7.016  0.991   1.00 33.15 ? 531 GLU A N   1 
ATOM   459 C CA  . GLU A 1 61 ? -14.163 -6.408  2.291   1.00 23.06 ? 531 GLU A CA  1 
ATOM   460 C C   . GLU A 1 61 ? -12.886 -5.865  2.918   1.00 26.45 ? 531 GLU A C   1 
ATOM   461 O O   . GLU A 1 61 ? -12.867 -4.743  3.439   1.00 23.29 ? 531 GLU A O   1 
ATOM   462 C CB  . GLU A 1 61 ? -14.814 -7.436  3.208   1.00 32.72 ? 531 GLU A CB  1 
ATOM   463 C CG  . GLU A 1 61 ? -15.134 -6.913  4.561   1.00 28.28 ? 531 GLU A CG  1 
ATOM   464 C CD  . GLU A 1 61 ? -15.656 -7.999  5.472   1.00 41.49 ? 531 GLU A CD  1 
ATOM   465 O OE1 . GLU A 1 61 ? -15.665 -9.188  5.064   1.00 38.37 ? 531 GLU A OE1 1 
ATOM   466 O OE2 . GLU A 1 61 ? -16.057 -7.651  6.592   1.00 38.95 ? 531 GLU A OE2 1 
ATOM   467 N N   . ASP A 1 62 ? -11.804 -6.640  2.869   1.00 24.86 ? 532 ASP A N   1 
ATOM   468 C CA  . ASP A 1 62 ? -10.529 -6.150  3.394   1.00 26.09 ? 532 ASP A CA  1 
ATOM   469 C C   . ASP A 1 62 ? -10.094 -4.858  2.707   1.00 16.94 ? 532 ASP A C   1 
ATOM   470 O O   . ASP A 1 62 ? -9.702  -3.893  3.371   1.00 22.40 ? 532 ASP A O   1 
ATOM   471 C CB  . ASP A 1 62 ? -9.452  -7.214  3.216   1.00 21.69 ? 532 ASP A CB  1 
ATOM   472 C CG  . ASP A 1 62 ? -9.362  -8.165  4.402   1.00 35.16 ? 532 ASP A CG  1 
ATOM   473 O OD1 . ASP A 1 62 ? -10.288 -8.158  5.238   1.00 28.88 ? 532 ASP A OD1 1 
ATOM   474 O OD2 . ASP A 1 62 ? -8.353  -8.903  4.496   1.00 23.51 ? 532 ASP A OD2 1 
ATOM   475 N N   . SER A 1 63 ? -10.136 -4.830  1.366   1.00 17.71 ? 533 SER A N   1 
ATOM   476 C CA  . SER A 1 63 ? -9.646  -3.662  0.645   1.00 21.80 ? 533 SER A CA  1 
ATOM   477 C C   . SER A 1 63 ? -10.444 -2.423  1.002   1.00 20.04 ? 533 SER A C   1 
ATOM   478 O O   . SER A 1 63 ? -9.883  -1.330  1.091   1.00 18.62 ? 533 SER A O   1 
ATOM   479 C CB  . SER A 1 63 ? -9.693  -3.904  -0.866  1.00 20.03 ? 533 SER A CB  1 
ATOM   480 O OG  . SER A 1 63 ? -11.024 -3.904  -1.363  1.00 17.83 ? 533 SER A OG  1 
ATOM   481 N N   . GLN A 1 64 ? -11.741 -2.581  1.259   1.00 15.48 ? 534 GLN A N   1 
ATOM   482 C CA  . GLN A 1 64 ? -12.577 -1.422  1.515   1.00 16.82 ? 534 GLN A CA  1 
ATOM   483 C C   . GLN A 1 64 ? -12.367 -0.869  2.918   1.00 20.04 ? 534 GLN A C   1 
ATOM   484 O O   . GLN A 1 64 ? -12.321 0.354   3.102   1.00 18.36 ? 534 GLN A O   1 
ATOM   485 C CB  . GLN A 1 64 ? -14.038 -1.789  1.266   1.00 25.14 ? 534 GLN A CB  1 
ATOM   486 C CG  . GLN A 1 64 ? -14.250 -2.180  -0.190  1.00 20.97 ? 534 GLN A CG  1 
ATOM   487 C CD  . GLN A 1 64 ? -13.734 -1.116  -1.138  1.00 24.17 ? 534 GLN A CD  1 
ATOM   488 O OE1 . GLN A 1 64 ? -14.315 -0.050  -1.239  1.00 19.00 ? 534 GLN A OE1 1 
ATOM   489 N NE2 . GLN A 1 64 ? -12.629 -1.399  -1.822  1.00 17.19 ? 534 GLN A NE2 1 
ATOM   490 N N   . VAL A 1 65 ? -12.227 -1.747  3.914   1.00 20.32 ? 535 VAL A N   1 
ATOM   491 C CA  . VAL A 1 65 ? -11.827 -1.298  5.245   1.00 20.70 ? 535 VAL A CA  1 
ATOM   492 C C   . VAL A 1 65 ? -10.484 -0.572  5.163   1.00 26.32 ? 535 VAL A C   1 
ATOM   493 O O   . VAL A 1 65 ? -10.328 0.537   5.690   1.00 26.76 ? 535 VAL A O   1 
ATOM   494 C CB  . VAL A 1 65 ? -11.778 -2.484  6.232   1.00 25.76 ? 535 VAL A CB  1 
ATOM   495 C CG1 . VAL A 1 65 ? -11.028 -2.101  7.497   1.00 41.48 ? 535 VAL A CG1 1 
ATOM   496 C CG2 . VAL A 1 65 ? -13.186 -2.947  6.574   1.00 36.81 ? 535 VAL A CG2 1 
ATOM   497 N N   . ALA A 1 66 ? -9.517  -1.150  4.439   1.00 25.87 ? 536 ALA A N   1 
ATOM   498 C CA  . ALA A 1 66 ? -8.197  -0.523  4.340   1.00 27.39 ? 536 ALA A CA  1 
ATOM   499 C C   . ALA A 1 66 ? -8.247  0.859   3.693   1.00 21.97 ? 536 ALA A C   1 
ATOM   500 O O   . ALA A 1 66 ? -7.460  1.742   4.060   1.00 23.56 ? 536 ALA A O   1 
ATOM   501 C CB  . ALA A 1 66 ? -7.239  -1.426  3.567   1.00 24.48 ? 536 ALA A CB  1 
ATOM   502 N N   . MET A 1 67 ? -9.165  1.088   2.750   1.00 21.07 ? 537 MET A N   1 
ATOM   503 C CA  . MET A 1 67 ? -9.282  2.420   2.159   1.00 21.56 ? 537 MET A CA  1 
ATOM   504 C C   . MET A 1 67 ? -9.653  3.487   3.181   1.00 28.11 ? 537 MET A C   1 
ATOM   505 O O   . MET A 1 67 ? -9.284  4.655   3.007   1.00 33.73 ? 537 MET A O   1 
ATOM   506 C CB  . MET A 1 67 ? -10.300 2.409   1.013   1.00 20.70 ? 537 MET A CB  1 
ATOM   507 C CG  . MET A 1 67 ? -9.794  1.747   -0.287  1.00 22.03 ? 537 MET A CG  1 
ATOM   508 S SD  . MET A 1 67 ? -8.426  2.597   -1.123  1.00 19.60 ? 537 MET A SD  1 
ATOM   509 C CE  . MET A 1 67 ? -9.267  4.057   -1.726  1.00 20.34 ? 537 MET A CE  1 
ATOM   510 N N   . LYS A 1 68 ? -10.388 3.120   4.233   1.00 31.15 ? 538 LYS A N   1 
ATOM   511 C CA  . LYS A 1 68 ? -10.830 4.059   5.267   1.00 41.17 ? 538 LYS A CA  1 
ATOM   512 C C   . LYS A 1 68 ? -9.894  4.056   6.466   1.00 44.34 ? 538 LYS A C   1 
ATOM   513 O O   . LYS A 1 68 ? -9.373  5.101   6.871   1.00 51.44 ? 538 LYS A O   1 
ATOM   514 C CB  . LYS A 1 68 ? -12.233 3.705   5.788   1.00 40.39 ? 538 LYS A CB  1 
ATOM   515 C CG  . LYS A 1 68 ? -13.124 2.959   4.847   1.00 42.27 ? 538 LYS A CG  1 
ATOM   516 C CD  . LYS A 1 68 ? -13.689 3.863   3.776   1.00 53.09 ? 538 LYS A CD  1 
ATOM   517 C CE  . LYS A 1 68 ? -14.729 3.110   2.957   1.00 52.62 ? 538 LYS A CE  1 
ATOM   518 N NZ  . LYS A 1 68 ? -14.096 2.352   1.836   1.00 47.04 ? 538 LYS A NZ  1 
ATOM   519 N N   . ARG A 1 69 ? -9.681  2.875   7.040   1.00 39.53 ? 539 ARG A N   1 
ATOM   520 C CA  . ARG A 1 69 ? -9.101  2.714   8.368   1.00 42.60 ? 539 ARG A CA  1 
ATOM   521 C C   . ARG A 1 69 ? -7.626  2.365   8.225   1.00 38.65 ? 539 ARG A C   1 
ATOM   522 O O   . ARG A 1 69 ? -7.264  1.218   7.950   1.00 39.81 ? 539 ARG A O   1 
ATOM   523 C CB  . ARG A 1 69 ? -9.876  1.658   9.141   1.00 37.78 ? 539 ARG A CB  1 
ATOM   524 C CG  . ARG A 1 69 ? -11.291 2.109   9.473   1.00 54.00 ? 539 ARG A CG  1 
ATOM   525 C CD  . ARG A 1 69 ? -12.207 0.941   9.788   1.00 59.71 ? 539 ARG A CD  1 
ATOM   526 N NE  . ARG A 1 69 ? -11.555 -0.061  10.625  1.00 55.10 ? 539 ARG A NE  1 
ATOM   527 C CZ  . ARG A 1 69 ? -12.171 -1.136  11.103  1.00 60.20 ? 539 ARG A CZ  1 
ATOM   528 N NH1 . ARG A 1 69 ? -11.507 -2.008  11.854  1.00 70.12 ? 539 ARG A NH1 1 
ATOM   529 N NH2 . ARG A 1 69 ? -13.454 -1.340  10.823  1.00 60.58 ? 539 ARG A NH2 1 
ATOM   530 N N   . HIS A 1 70 ? -6.784  3.370   8.439   1.00 36.73 ? 540 HIS A N   1 
ATOM   531 C CA  . HIS A 1 70 ? -5.345  3.288   8.244   1.00 33.01 ? 540 HIS A CA  1 
ATOM   532 C C   . HIS A 1 70 ? -4.717  4.438   9.023   1.00 46.15 ? 540 HIS A C   1 
ATOM   533 O O   . HIS A 1 70 ? -5.409  5.354   9.479   1.00 44.42 ? 540 HIS A O   1 
ATOM   534 C CB  . HIS A 1 70 ? -5.001  3.355   6.752   1.00 30.90 ? 540 HIS A CB  1 
ATOM   535 C CG  . HIS A 1 70 ? -5.636  4.511   6.033   1.00 29.89 ? 540 HIS A CG  1 
ATOM   536 N ND1 . HIS A 1 70 ? -5.095  5.778   6.046   1.00 41.81 ? 540 HIS A ND1 1 
ATOM   537 C CD2 . HIS A 1 70 ? -6.747  4.586   5.258   1.00 33.52 ? 540 HIS A CD2 1 
ATOM   538 C CE1 . HIS A 1 70 ? -5.851  6.587   5.325   1.00 40.36 ? 540 HIS A CE1 1 
ATOM   539 N NE2 . HIS A 1 70 ? -6.856  5.889   4.830   1.00 27.19 ? 540 HIS A NE2 1 
ATOM   540 N N   . ARG A 1 71 ? -3.397  4.391   9.174   1.00 43.61 ? 541 ARG A N   1 
ATOM   541 C CA  . ARG A 1 71 ? -2.730  5.459   9.908   1.00 37.83 ? 541 ARG A CA  1 
ATOM   542 C C   . ARG A 1 71 ? -2.852  6.788   9.171   1.00 38.30 ? 541 ARG A C   1 
ATOM   543 O O   . ARG A 1 71 ? -3.124  6.849   7.967   1.00 37.92 ? 541 ARG A O   1 
ATOM   544 C CB  . ARG A 1 71 ? -1.257  5.125   10.140  1.00 37.95 ? 541 ARG A CB  1 
ATOM   545 C CG  . ARG A 1 71 ? -1.020  4.157   11.305  1.00 49.02 ? 541 ARG A CG  1 
ATOM   546 C CD  . ARG A 1 71 ? 0.080   3.168   10.953  1.00 42.94 ? 541 ARG A CD  1 
ATOM   547 N NE  . ARG A 1 71 ? 1.047   2.947   12.029  1.00 67.32 ? 541 ARG A NE  1 
ATOM   548 C CZ  . ARG A 1 71 ? 0.945   1.980   12.938  1.00 68.92 ? 541 ARG A CZ  1 
ATOM   549 N NH1 . ARG A 1 71 ? -0.098  1.160   12.922  1.00 55.50 ? 541 ARG A NH1 1 
ATOM   550 N NH2 . ARG A 1 71 ? 1.879   1.835   13.870  1.00 51.92 ? 541 ARG A NH2 1 
ATOM   551 N N   . GLU A 1 72 ? -2.648  7.869   9.917   1.00 32.47 ? 542 GLU A N   1 
ATOM   552 C CA  . GLU A 1 72 ? -2.773  9.189   9.312   1.00 39.67 ? 542 GLU A CA  1 
ATOM   553 C C   . GLU A 1 72 ? -1.624  9.468   8.358   1.00 29.35 ? 542 GLU A C   1 
ATOM   554 O O   . GLU A 1 72 ? -1.810  10.140  7.345   1.00 36.97 ? 542 GLU A O   1 
ATOM   555 C CB  . GLU A 1 72 ? -2.868  10.246  10.413  1.00 50.83 ? 542 GLU A CB  1 
ATOM   556 C CG  . GLU A 1 72 ? -3.975  9.919   11.426  1.00 65.30 ? 542 GLU A CG  1 
ATOM   557 C CD  . GLU A 1 72 ? -3.877  10.721  12.711  1.00 78.16 ? 542 GLU A CD  1 
ATOM   558 O OE1 . GLU A 1 72 ? -3.659  10.109  13.783  1.00 73.93 ? 542 GLU A OE1 1 
ATOM   559 O OE2 . GLU A 1 72 ? -4.028  11.960  12.651  1.00 77.54 ? 542 GLU A OE2 1 
ATOM   560 N N   . GLN A 1 73 ? -0.449  8.925   8.642   1.00 34.15 ? 543 GLN A N   1 
ATOM   561 C CA  . GLN A 1 73 ? 0.728   9.143   7.823   1.00 22.29 ? 543 GLN A CA  1 
ATOM   562 C C   . GLN A 1 73 ? 1.521   7.848   7.789   1.00 14.71 ? 543 GLN A C   1 
ATOM   563 O O   . GLN A 1 73 ? 1.377   6.992   8.661   1.00 21.97 ? 543 GLN A O   1 
ATOM   564 C CB  . GLN A 1 73 ? 1.622   10.269  8.375   1.00 26.17 ? 543 GLN A CB  1 
ATOM   565 C CG  . GLN A 1 73 ? 1.021   11.663  8.340   1.00 29.28 ? 543 GLN A CG  1 
ATOM   566 C CD  . GLN A 1 73 ? 2.066   12.737  8.624   1.00 31.83 ? 543 GLN A CD  1 
ATOM   567 O OE1 . GLN A 1 73 ? 2.824   12.647  9.594   1.00 28.54 ? 543 GLN A OE1 1 
ATOM   568 N NE2 . GLN A 1 73 ? 2.118   13.751  7.765   1.00 38.75 ? 543 GLN A NE2 1 
ATOM   569 N N   . MET A 1 74 ? 2.348   7.697   6.761   1.00 18.37 ? 544 MET A N   1 
ATOM   570 C CA  . MET A 1 74 ? 3.427   6.710   6.783   1.00 18.31 ? 544 MET A CA  1 
ATOM   571 C C   . MET A 1 74 ? 4.715   7.487   7.005   1.00 21.32 ? 544 MET A C   1 
ATOM   572 O O   . MET A 1 74 ? 5.047   8.374   6.212   1.00 19.07 ? 544 MET A O   1 
ATOM   573 C CB  . MET A 1 74 ? 3.493   5.923   5.482   1.00 20.97 ? 544 MET A CB  1 
ATOM   574 C CG  . MET A 1 74 ? 4.476   4.780   5.533   1.00 25.65 ? 544 MET A CG  1 
ATOM   575 S SD  . MET A 1 74 ? 4.644   4.030   3.908   1.00 25.60 ? 544 MET A SD  1 
ATOM   576 C CE  . MET A 1 74 ? 2.950   3.521   3.591   1.00 19.88 ? 544 MET A CE  1 
ATOM   577 N N   . GLY A 1 75 ? 5.424   7.178   8.074   1.00 23.37 ? 545 GLY A N   1 
ATOM   578 C CA  . GLY A 1 75 ? 6.479   8.091   8.467   1.00 31.00 ? 545 GLY A CA  1 
ATOM   579 C C   . GLY A 1 75 ? 5.853   9.447   8.707   1.00 22.99 ? 545 GLY A C   1 
ATOM   580 O O   . GLY A 1 75 ? 4.896   9.587   9.471   1.00 24.70 ? 545 GLY A O   1 
ATOM   581 N N   . SER A 1 76 ? 6.340   10.468  8.015   1.00 25.54 ? 546 SER A N   1 
ATOM   582 C CA  . SER A 1 76 ? 5.762   11.793  8.165   1.00 28.63 ? 546 SER A CA  1 
ATOM   583 C C   . SER A 1 76 ? 5.192   12.300  6.848   1.00 31.17 ? 546 SER A C   1 
ATOM   584 O O   . SER A 1 76 ? 5.166   13.506  6.615   1.00 23.10 ? 546 SER A O   1 
ATOM   585 C CB  . SER A 1 76 ? 6.783   12.787  8.718   1.00 31.32 ? 546 SER A CB  1 
ATOM   586 O OG  . SER A 1 76 ? 8.088   12.551  8.218   1.00 29.63 ? 546 SER A OG  1 
ATOM   587 N N   . ARG A 1 77 ? 4.741   11.388  5.978   1.00 22.57 ? 547 ARG A N   1 
ATOM   588 C CA  . ARG A 1 77 ? 4.109   11.747  4.710   1.00 25.30 ? 547 ARG A CA  1 
ATOM   589 C C   . ARG A 1 77 ? 2.652   11.306  4.708   1.00 20.93 ? 547 ARG A C   1 
ATOM   590 O O   . ARG A 1 77 ? 2.305   10.270  5.269   1.00 20.95 ? 547 ARG A O   1 
ATOM   591 C CB  . ARG A 1 77 ? 4.829   11.120  3.507   1.00 26.97 ? 547 ARG A CB  1 
ATOM   592 C CG  . ARG A 1 77 ? 6.206   11.727  3.229   1.00 34.50 ? 547 ARG A CG  1 
ATOM   593 C CD  . ARG A 1 77 ? 6.813   11.097  2.003   1.00 48.77 ? 547 ARG A CD  1 
ATOM   594 N NE  . ARG A 1 77 ? 7.244   12.064  1.001   1.00 55.60 ? 547 ARG A NE  1 
ATOM   595 C CZ  . ARG A 1 77 ? 8.494   12.505  0.885   1.00 57.97 ? 547 ARG A CZ  1 
ATOM   596 N NH1 . ARG A 1 77 ? 8.801   13.382  -0.062  1.00 58.24 ? 547 ARG A NH1 1 
ATOM   597 N NH2 . ARG A 1 77 ? 9.442   12.070  1.710   1.00 50.49 ? 547 ARG A NH2 1 
ATOM   598 N N   . TYR A 1 78 ? 1.788   12.122  4.121   1.00 19.56 ? 548 TYR A N   1 
ATOM   599 C CA  . TYR A 1 78 ? 0.422   11.692  3.894   1.00 20.53 ? 548 TYR A CA  1 
ATOM   600 C C   . TYR A 1 78 ? 0.406   10.814  2.652   1.00 18.88 ? 548 TYR A C   1 
ATOM   601 O O   . TYR A 1 78 ? 1.021   11.162  1.642   1.00 23.25 ? 548 TYR A O   1 
ATOM   602 C CB  . TYR A 1 78 ? -0.497  12.894  3.708   1.00 25.64 ? 548 TYR A CB  1 
ATOM   603 C CG  . TYR A 1 78 ? -0.439  13.859  4.853   1.00 26.63 ? 548 TYR A CG  1 
ATOM   604 C CD1 . TYR A 1 78 ? -1.085  13.580  6.045   1.00 20.17 ? 548 TYR A CD1 1 
ATOM   605 C CD2 . TYR A 1 78 ? 0.267   15.055  4.743   1.00 35.94 ? 548 TYR A CD2 1 
ATOM   606 C CE1 . TYR A 1 78 ? -1.032  14.482  7.116   1.00 33.62 ? 548 TYR A CE1 1 
ATOM   607 C CE2 . TYR A 1 78 ? 0.329   15.942  5.787   1.00 26.78 ? 548 TYR A CE2 1 
ATOM   608 C CZ  . TYR A 1 78 ? -0.322  15.659  6.971   1.00 27.57 ? 548 TYR A CZ  1 
ATOM   609 O OH  . TYR A 1 78 ? -0.263  16.559  8.007   1.00 31.94 ? 548 TYR A OH  1 
ATOM   610 N N   . ILE A 1 79 ? -0.272  9.673   2.743   1.00 19.99 ? 549 ILE A N   1 
ATOM   611 C CA  . ILE A 1 79 ? -0.350  8.685   1.666   1.00 19.16 ? 549 ILE A CA  1 
ATOM   612 C C   . ILE A 1 79 ? -1.671  8.864   0.926   1.00 17.24 ? 549 ILE A C   1 
ATOM   613 O O   . ILE A 1 79 ? -2.725  8.997   1.556   1.00 17.08 ? 549 ILE A O   1 
ATOM   614 C CB  . ILE A 1 79 ? -0.244  7.260   2.237   1.00 21.22 ? 549 ILE A CB  1 
ATOM   615 C CG1 . ILE A 1 79 ? 1.055   7.083   3.041   1.00 28.15 ? 549 ILE A CG1 1 
ATOM   616 C CG2 . ILE A 1 79 ? -0.435  6.214   1.140   1.00 19.71 ? 549 ILE A CG2 1 
ATOM   617 C CD1 . ILE A 1 79 ? 2.314   7.421   2.259   1.00 27.57 ? 549 ILE A CD1 1 
ATOM   618 N N   . GLU A 1 80 ? -1.631  8.846   -0.408  1.00 19.77 ? 550 GLU A N   1 
ATOM   619 C CA  . GLU A 1 80 ? -2.856  8.824   -1.203  1.00 18.23 ? 550 GLU A CA  1 
ATOM   620 C C   . GLU A 1 80 ? -3.198  7.398   -1.596  1.00 20.25 ? 550 GLU A C   1 
ATOM   621 O O   . GLU A 1 80 ? -2.362  6.709   -2.195  1.00 21.75 ? 550 GLU A O   1 
ATOM   622 C CB  . GLU A 1 80 ? -2.705  9.643   -2.477  1.00 20.22 ? 550 GLU A CB  1 
ATOM   623 C CG  . GLU A 1 80 ? -2.634  11.126  -2.328  1.00 32.79 ? 550 GLU A CG  1 
ATOM   624 C CD  . GLU A 1 80 ? -2.663  11.751  -3.692  1.00 34.81 ? 550 GLU A CD  1 
ATOM   625 O OE1 . GLU A 1 80 ? -3.777  12.079  -4.151  1.00 39.19 ? 550 GLU A OE1 1 
ATOM   626 O OE2 . GLU A 1 80 ? -1.583  11.833  -4.332  1.00 34.13 ? 550 GLU A OE2 1 
ATOM   627 N N   . LEU A 1 81 ? -4.426  6.974   -1.310  1.00 20.51 ? 551 LEU A N   1 
ATOM   628 C CA  . LEU A 1 81 ? -4.890  5.629   -1.617  1.00 16.38 ? 551 LEU A CA  1 
ATOM   629 C C   . LEU A 1 81 ? -5.855  5.675   -2.796  1.00 19.36 ? 551 LEU A C   1 
ATOM   630 O O   . LEU A 1 81 ? -6.698  6.568   -2.875  1.00 19.57 ? 551 LEU A O   1 
ATOM   631 C CB  . LEU A 1 81 ? -5.587  4.997   -0.411  1.00 21.92 ? 551 LEU A CB  1 
ATOM   632 C CG  . LEU A 1 81 ? -4.696  4.891   0.827   1.00 25.56 ? 551 LEU A CG  1 
ATOM   633 C CD1 . LEU A 1 81 ? -5.450  4.167   1.932   1.00 29.18 ? 551 LEU A CD1 1 
ATOM   634 C CD2 . LEU A 1 81 ? -3.399  4.168   0.473   1.00 18.64 ? 551 LEU A CD2 1 
ATOM   635 N N   . PHE A 1 82 ? -5.718  4.710   -3.702  1.00 12.24 ? 552 PHE A N   1 
ATOM   636 C CA  . PHE A 1 82 ? -6.575  4.561   -4.875  1.00 15.53 ? 552 PHE A CA  1 
ATOM   637 C C   . PHE A 1 82 ? -6.980  3.106   -4.980  1.00 24.66 ? 552 PHE A C   1 
ATOM   638 O O   . PHE A 1 82 ? -6.114  2.231   -5.084  1.00 18.69 ? 552 PHE A O   1 
ATOM   639 C CB  . PHE A 1 82 ? -5.861  4.988   -6.158  1.00 20.37 ? 552 PHE A CB  1 
ATOM   640 C CG  . PHE A 1 82 ? -5.295  6.362   -6.104  1.00 20.07 ? 552 PHE A CG  1 
ATOM   641 C CD1 . PHE A 1 82 ? -4.013  6.580   -5.618  1.00 23.82 ? 552 PHE A CD1 1 
ATOM   642 C CD2 . PHE A 1 82 ? -6.052  7.447   -6.539  1.00 24.32 ? 552 PHE A CD2 1 
ATOM   643 C CE1 . PHE A 1 82 ? -3.499  7.859   -5.568  1.00 24.41 ? 552 PHE A CE1 1 
ATOM   644 C CE2 . PHE A 1 82 ? -5.537  8.723   -6.484  1.00 27.94 ? 552 PHE A CE2 1 
ATOM   645 C CZ  . PHE A 1 82 ? -4.263  8.922   -6.009  1.00 18.25 ? 552 PHE A CZ  1 
ATOM   646 N N   . TYR A 1 83 ? -8.284  2.847   -4.946  1.00 17.59 ? 553 TYR A N   1 
ATOM   647 C CA  . TYR A 1 83 ? -8.787  1.489   -5.078  1.00 18.33 ? 553 TYR A CA  1 
ATOM   648 C C   . TYR A 1 83 ? -8.801  1.106   -6.542  1.00 23.84 ? 553 TYR A C   1 
ATOM   649 O O   . TYR A 1 83 ? -9.603  1.645   -7.311  1.00 20.43 ? 553 TYR A O   1 
ATOM   650 C CB  . TYR A 1 83 ? -10.182 1.360   -4.484  1.00 15.93 ? 553 TYR A CB  1 
ATOM   651 C CG  . TYR A 1 83 ? -10.684 -0.064  -4.642  1.00 20.03 ? 553 TYR A CG  1 
ATOM   652 C CD1 . TYR A 1 83 ? -9.962  -1.112  -4.114  1.00 19.26 ? 553 TYR A CD1 1 
ATOM   653 C CD2 . TYR A 1 83 ? -11.843 -0.356  -5.348  1.00 23.19 ? 553 TYR A CD2 1 
ATOM   654 C CE1 . TYR A 1 83 ? -10.379 -2.412  -4.257  1.00 18.94 ? 553 TYR A CE1 1 
ATOM   655 C CE2 . TYR A 1 83 ? -12.280 -1.670  -5.492  1.00 17.95 ? 553 TYR A CE2 1 
ATOM   656 C CZ  . TYR A 1 83 ? -11.539 -2.684  -4.946  1.00 18.37 ? 553 TYR A CZ  1 
ATOM   657 O OH  . TYR A 1 83 ? -11.930 -3.991  -5.062  1.00 23.99 ? 553 TYR A OH  1 
ATOM   658 N N   . ASP A 1 84 ? -7.921  0.184   -6.938  1.00 14.91 ? 554 ASP A N   1 
ATOM   659 C CA  . ASP A 1 84 ? -7.816  -0.198  -8.341  1.00 17.55 ? 554 ASP A CA  1 
ATOM   660 C C   . ASP A 1 84 ? -8.608  -1.456  -8.671  1.00 29.02 ? 554 ASP A C   1 
ATOM   661 O O   . ASP A 1 84 ? -8.529  -1.942  -9.799  1.00 27.26 ? 554 ASP A O   1 
ATOM   662 C CB  . ASP A 1 84 ? -6.345  -0.382  -8.733  1.00 19.75 ? 554 ASP A CB  1 
ATOM   663 C CG  . ASP A 1 84 ? -5.604  0.947   -8.888  1.00 24.55 ? 554 ASP A CG  1 
ATOM   664 O OD1 . ASP A 1 84 ? -6.195  2.029   -8.643  1.00 31.17 ? 554 ASP A OD1 1 
ATOM   665 O OD2 . ASP A 1 84 ? -4.415  0.913   -9.244  1.00 25.61 ? 554 ASP A OD2 1 
ATOM   666 N N   . GLY A 1 85 ? -9.369  -1.991  -7.729  1.00 17.66 ? 555 GLY A N   1 
ATOM   667 C CA  . GLY A 1 85 ? -10.238 -3.078  -8.070  1.00 18.22 ? 555 GLY A CA  1 
ATOM   668 C C   . GLY A 1 85 ? -9.489  -4.398  -8.101  1.00 28.14 ? 555 GLY A C   1 
ATOM   669 O O   . GLY A 1 85 ? -8.388  -4.560  -7.573  1.00 24.73 ? 555 GLY A O   1 
ATOM   670 N N   . LYS A 1 86 ? -10.113 -5.355  -8.753  1.00 23.66 ? 556 LYS A N   1 
ATOM   671 C CA  . LYS A 1 86 ? -9.671  -6.727  -8.644  1.00 28.78 ? 556 LYS A CA  1 
ATOM   672 C C   . LYS A 1 86 ? -8.531  -7.009  -9.619  1.00 29.92 ? 556 LYS A C   1 
ATOM   673 O O   . LYS A 1 86 ? -8.443  -6.413  -10.700 1.00 33.25 ? 556 LYS A O   1 
ATOM   674 C CB  . LYS A 1 86 ? -10.868 -7.643  -8.883  1.00 39.84 ? 556 LYS A CB  1 
ATOM   675 C CG  . LYS A 1 86 ? -10.579 -9.092  -8.949  1.00 42.65 ? 556 LYS A CG  1 
ATOM   676 C CD  . LYS A 1 86 ? -11.877 -9.866  -9.027  1.00 52.63 ? 556 LYS A CD  1 
ATOM   677 C CE  . LYS A 1 86 ? -12.091 -10.339 -10.456 1.00 56.82 ? 556 LYS A CE  1 
ATOM   678 N NZ  . LYS A 1 86 ? -10.943 -11.189 -10.886 1.00 62.91 ? 556 LYS A NZ  1 
ATOM   679 N N   . THR A 1 87 ? -7.626  -7.888  -9.186  1.00 31.75 ? 557 THR A N   1 
ATOM   680 C CA  . THR A 1 87 ? -6.464  -8.386  -9.932  1.00 48.13 ? 557 THR A CA  1 
ATOM   681 C C   . THR A 1 87 ? -5.360  -7.355  -10.002 1.00 42.42 ? 557 THR A C   1 
ATOM   682 O O   . THR A 1 87 ? -4.381  -7.449  -9.259  1.00 59.02 ? 557 THR A O   1 
ATOM   683 C CB  . THR A 1 87 ? -6.827  -8.833  -11.367 1.00 57.40 ? 557 THR A CB  1 
ATOM   684 O OG1 . THR A 1 87 ? -7.741  -9.934  -11.305 1.00 62.31 ? 557 THR A OG1 1 
ATOM   685 C CG2 . THR A 1 87 ? -5.573  -9.255  -12.137 1.00 63.51 ? 557 THR A CG2 1 
HETATM 686 C C1  . GOL B 2 .  ? -7.060  9.325   1.146   1.00 48.50 ? 601 GOL A C1  1 
HETATM 687 O O1  . GOL B 2 .  ? -6.370  8.925   -0.016  1.00 25.83 ? 601 GOL A O1  1 
HETATM 688 C C2  . GOL B 2 .  ? -6.570  8.438   2.286   1.00 48.32 ? 601 GOL A C2  1 
HETATM 689 O O2  . GOL B 2 .  ? -7.511  7.428   2.556   1.00 46.59 ? 601 GOL A O2  1 
HETATM 690 C C3  . GOL B 2 .  ? -6.251  9.271   3.525   1.00 37.33 ? 601 GOL A C3  1 
HETATM 691 O O3  . GOL B 2 .  ? -4.860  9.524   3.531   1.00 45.14 ? 601 GOL A O3  1 
HETATM 692 C C1  . GOL C 2 .  ? -1.334  -9.561  -9.007  1.00 52.36 ? 602 GOL A C1  1 
HETATM 693 O O1  . GOL C 2 .  ? -2.004  -10.807 -8.998  1.00 61.29 ? 602 GOL A O1  1 
HETATM 694 C C2  . GOL C 2 .  ? 0.060   -9.752  -8.418  1.00 57.65 ? 602 GOL A C2  1 
HETATM 695 O O2  . GOL C 2 .  ? 0.940   -8.754  -8.880  1.00 54.23 ? 602 GOL A O2  1 
HETATM 696 C C3  . GOL C 2 .  ? -0.024  -9.630  -6.907  1.00 42.05 ? 602 GOL A C3  1 
HETATM 697 O O3  . GOL C 2 .  ? 1.250   -9.920  -6.388  1.00 39.39 ? 602 GOL A O3  1 
HETATM 698 C C1  . GOL D 2 .  ? 14.128  0.519   -22.217 1.00 52.85 ? 603 GOL A C1  1 
HETATM 699 O O1  . GOL D 2 .  ? 14.397  -0.673  -21.495 1.00 57.50 ? 603 GOL A O1  1 
HETATM 700 C C2  . GOL D 2 .  ? 13.318  1.497   -21.364 1.00 41.35 ? 603 GOL A C2  1 
HETATM 701 O O2  . GOL D 2 .  ? 13.978  1.797   -20.163 1.00 42.22 ? 603 GOL A O2  1 
HETATM 702 C C3  . GOL D 2 .  ? 13.099  2.817   -22.082 1.00 41.67 ? 603 GOL A C3  1 
HETATM 703 O O3  . GOL D 2 .  ? 11.921  3.373   -21.543 1.00 38.77 ? 603 GOL A O3  1 
HETATM 704 S S   . SO4 E 3 .  ? -13.174 -4.146  -10.669 1.00 59.12 ? 604 SO4 A S   1 
HETATM 705 O O1  . SO4 E 3 .  ? -12.708 -5.026  -9.602  1.00 46.00 ? 604 SO4 A O1  1 
HETATM 706 O O2  . SO4 E 3 .  ? -12.058 -3.718  -11.508 1.00 59.75 ? 604 SO4 A O2  1 
HETATM 707 O O3  . SO4 E 3 .  ? -13.796 -2.964  -10.074 1.00 58.89 ? 604 SO4 A O3  1 
HETATM 708 O O4  . SO4 E 3 .  ? -14.153 -4.849  -11.497 1.00 59.60 ? 604 SO4 A O4  1 
HETATM 709 O O   . HOH F 4 .  ? -1.303  9.023   5.422   1.00 24.57 ? 701 HOH A O   1 
HETATM 710 O O   . HOH F 4 .  ? -1.178  -5.011  7.969   1.00 26.56 ? 702 HOH A O   1 
HETATM 711 O O   . HOH F 4 .  ? -3.656  13.072  -6.503  1.00 32.30 ? 703 HOH A O   1 
HETATM 712 O O   . HOH F 4 .  ? 3.383   -2.175  -9.429  1.00 28.90 ? 704 HOH A O   1 
HETATM 713 O O   . HOH F 4 .  ? -16.774 -9.825  7.844   1.00 36.28 ? 705 HOH A O   1 
HETATM 714 O O   . HOH F 4 .  ? -6.211  -8.709  2.986   1.00 24.95 ? 706 HOH A O   1 
HETATM 715 O O   . HOH F 4 .  ? 8.148   -4.699  -2.640  1.00 27.62 ? 707 HOH A O   1 
HETATM 716 O O   . HOH F 4 .  ? 4.472   15.629  8.106   1.00 32.44 ? 708 HOH A O   1 
HETATM 717 O O   . HOH F 4 .  ? -13.931 -10.566 -1.756  1.00 32.13 ? 709 HOH A O   1 
HETATM 718 O O   . HOH F 4 .  ? 11.199  10.257  0.508   1.00 33.91 ? 710 HOH A O   1 
HETATM 719 O O   . HOH F 4 .  ? 14.810  -1.915  -10.018 0.42 22.14 ? 711 HOH A O   1 
HETATM 720 O O   . HOH F 4 .  ? 8.432   -4.761  -5.246  1.00 28.68 ? 712 HOH A O   1 
HETATM 721 O O   . HOH F 4 .  ? 13.618  3.213   -15.068 1.00 33.45 ? 713 HOH A O   1 
HETATM 722 O O   . HOH F 4 .  ? 9.633   -0.292  5.696   1.00 30.80 ? 714 HOH A O   1 
HETATM 723 O O   . HOH F 4 .  ? -0.210  -11.358 4.894   1.00 37.14 ? 715 HOH A O   1 
HETATM 724 O O   . HOH F 4 .  ? 6.482   9.857   -2.775  1.00 35.03 ? 716 HOH A O   1 
HETATM 725 O O   . HOH F 4 .  ? 4.586   -8.683  0.275   1.00 30.51 ? 717 HOH A O   1 
HETATM 726 O O   . HOH F 4 .  ? 10.153  -4.067  4.830   1.00 35.46 ? 718 HOH A O   1 
HETATM 727 O O   . HOH F 4 .  ? 6.889   -3.159  -8.286  1.00 25.27 ? 719 HOH A O   1 
HETATM 728 O O   . HOH F 4 .  ? -14.018 -4.113  -6.975  1.00 39.42 ? 720 HOH A O   1 
HETATM 729 O O   . HOH F 4 .  ? 2.949   3.789   -9.617  1.00 22.31 ? 721 HOH A O   1 
HETATM 730 O O   . HOH F 4 .  ? 18.134  -2.491  -15.140 1.00 21.30 ? 722 HOH A O   1 
HETATM 731 O O   . HOH F 4 .  ? 10.073  5.821   6.368   1.00 30.18 ? 723 HOH A O   1 
HETATM 732 O O   . HOH F 4 .  ? 3.123   14.357  2.844   1.00 33.73 ? 724 HOH A O   1 
HETATM 733 O O   . HOH F 4 .  ? -3.299  -15.018 -0.173  1.00 38.99 ? 725 HOH A O   1 
HETATM 734 O O   . HOH F 4 .  ? 14.595  4.390   -18.918 1.00 48.05 ? 726 HOH A O   1 
HETATM 735 O O   . HOH F 4 .  ? 3.477   2.988   8.430   1.00 27.79 ? 727 HOH A O   1 
HETATM 736 O O   . HOH F 4 .  ? -15.283 -9.591  0.406   1.00 26.06 ? 728 HOH A O   1 
HETATM 737 O O   . HOH F 4 .  ? -11.541 -0.740  -11.556 1.00 35.44 ? 729 HOH A O   1 
HETATM 738 O O   . HOH F 4 .  ? 4.412   9.739   -5.189  1.00 33.70 ? 730 HOH A O   1 
HETATM 739 O O   . HOH F 4 .  ? -2.725  -14.084 2.717   1.00 32.10 ? 731 HOH A O   1 
HETATM 740 O O   . HOH F 4 .  ? 15.037  -4.362  -23.129 1.00 24.38 ? 732 HOH A O   1 
HETATM 741 O O   . HOH F 4 .  ? 3.051   12.621  -4.738  1.00 49.42 ? 733 HOH A O   1 
# 
loop_
_pdbx_poly_seq_scheme.asym_id 
_pdbx_poly_seq_scheme.entity_id 
_pdbx_poly_seq_scheme.seq_id 
_pdbx_poly_seq_scheme.mon_id 
_pdbx_poly_seq_scheme.ndb_seq_num 
_pdbx_poly_seq_scheme.pdb_seq_num 
_pdbx_poly_seq_scheme.auth_seq_num 
_pdbx_poly_seq_scheme.pdb_mon_id 
_pdbx_poly_seq_scheme.auth_mon_id 
_pdbx_poly_seq_scheme.pdb_strand_id 
_pdbx_poly_seq_scheme.pdb_ins_code 
_pdbx_poly_seq_scheme.hetero 
A 1 1  GLY 1  471 ?   ?   ?   A . n 
A 1 2  SER 2  472 ?   ?   ?   A . n 
A 1 3  HIS 3  473 ?   ?   ?   A . n 
A 1 4  MET 4  474 ?   ?   ?   A . n 
A 1 5  GLY 5  475 ?   ?   ?   A . n 
A 1 6  ASN 6  476 ?   ?   ?   A . n 
A 1 7  ASP 7  477 ?   ?   ?   A . n 
A 1 8  ILE 8  478 478 ILE ILE A . n 
A 1 9  GLU 9  479 479 GLU GLU A . n 
A 1 10 TYR 10 480 480 TYR TYR A . n 
A 1 11 TYR 11 481 481 TYR TYR A . n 
A 1 12 THR 12 482 482 THR THR A . n 
A 1 13 ILE 13 483 483 ILE ILE A . n 
A 1 14 HIS 14 484 484 HIS HIS A . n 
A 1 15 MET 15 485 485 MET MET A . n 
A 1 16 ARG 16 486 486 ARG ARG A . n 
A 1 17 GLY 17 487 487 GLY GLY A . n 
A 1 18 LEU 18 488 488 LEU LEU A . n 
A 1 19 PRO 19 489 489 PRO PRO A . n 
A 1 20 TYR 20 490 490 TYR TYR A . n 
A 1 21 THR 21 491 491 THR THR A . n 
A 1 22 SER 22 492 492 SER SER A . n 
A 1 23 PHE 23 493 493 PHE PHE A . n 
A 1 24 GLU 24 494 494 GLU GLU A . n 
A 1 25 ASN 25 495 495 ASN ASN A . n 
A 1 26 ASP 26 496 496 ASP ASP A . n 
A 1 27 VAL 27 497 497 VAL VAL A . n 
A 1 28 PHE 28 498 498 PHE PHE A . n 
A 1 29 LYS 29 499 499 LYS LYS A . n 
A 1 30 PHE 30 500 500 PHE PHE A . n 
A 1 31 PHE 31 501 501 PHE PHE A . n 
A 1 32 GLU 32 502 502 GLU GLU A . n 
A 1 33 PRO 33 503 503 PRO PRO A . n 
A 1 34 ILE 34 504 504 ILE ILE A . n 
A 1 35 ARG 35 505 505 ARG ARG A . n 
A 1 36 PRO 36 506 506 PRO PRO A . n 
A 1 37 ALA 37 507 507 ALA ALA A . n 
A 1 38 ASN 38 508 508 ASN ASN A . n 
A 1 39 VAL 39 509 509 VAL VAL A . n 
A 1 40 ARG 40 510 510 ARG ARG A . n 
A 1 41 ILE 41 511 511 ILE ILE A . n 
A 1 42 ASN 42 512 512 ASN ASN A . n 
A 1 43 TYR 43 513 513 TYR TYR A . n 
A 1 44 ASN 44 514 514 ASN ASN A . n 
A 1 45 LYS 45 515 515 LYS LYS A . n 
A 1 46 LYS 46 516 516 LYS LYS A . n 
A 1 47 GLY 47 517 517 GLY GLY A . n 
A 1 48 LEU 48 518 518 LEU LEU A . n 
A 1 49 HIS 49 519 519 HIS HIS A . n 
A 1 50 SER 50 520 520 SER SER A . n 
A 1 51 GLY 51 521 521 GLY GLY A . n 
A 1 52 THR 52 522 522 THR THR A . n 
A 1 53 ALA 53 523 523 ALA ALA A . n 
A 1 54 ASP 54 524 524 ASP ASP A . n 
A 1 55 ALA 55 525 525 ALA ALA A . n 
A 1 56 TYR 56 526 526 TYR TYR A . n 
A 1 57 PHE 57 527 527 PHE PHE A . n 
A 1 58 ASP 58 528 528 ASP ASP A . n 
A 1 59 THR 59 529 529 THR THR A . n 
A 1 60 TYR 60 530 530 TYR TYR A . n 
A 1 61 GLU 61 531 531 GLU GLU A . n 
A 1 62 ASP 62 532 532 ASP ASP A . n 
A 1 63 SER 63 533 533 SER SER A . n 
A 1 64 GLN 64 534 534 GLN GLN A . n 
A 1 65 VAL 65 535 535 VAL VAL A . n 
A 1 66 ALA 66 536 536 ALA ALA A . n 
A 1 67 MET 67 537 537 MET MET A . n 
A 1 68 LYS 68 538 538 LYS LYS A . n 
A 1 69 ARG 69 539 539 ARG ARG A . n 
A 1 70 HIS 70 540 540 HIS HIS A . n 
A 1 71 ARG 71 541 541 ARG ARG A . n 
A 1 72 GLU 72 542 542 GLU GLU A . n 
A 1 73 GLN 73 543 543 GLN GLN A . n 
A 1 74 MET 74 544 544 MET MET A . n 
A 1 75 GLY 75 545 545 GLY GLY A . n 
A 1 76 SER 76 546 546 SER SER A . n 
A 1 77 ARG 77 547 547 ARG ARG A . n 
A 1 78 TYR 78 548 548 TYR TYR A . n 
A 1 79 ILE 79 549 549 ILE ILE A . n 
A 1 80 GLU 80 550 550 GLU GLU A . n 
A 1 81 LEU 81 551 551 LEU LEU A . n 
A 1 82 PHE 82 552 552 PHE PHE A . n 
A 1 83 TYR 83 553 553 TYR TYR A . n 
A 1 84 ASP 84 554 554 ASP ASP A . n 
A 1 85 GLY 85 555 555 GLY GLY A . n 
A 1 86 LYS 86 556 556 LYS LYS A . n 
A 1 87 THR 87 557 557 THR THR A . n 
A 1 88 ARG 88 558 ?   ?   ?   A . n 
A 1 89 GLY 89 559 ?   ?   ?   A . n 
A 1 90 LEU 90 560 ?   ?   ?   A . n 
A 1 91 ASN 91 561 ?   ?   ?   A . n 
A 1 92 GLY 92 562 ?   ?   ?   A . n 
# 
loop_
_pdbx_nonpoly_scheme.asym_id 
_pdbx_nonpoly_scheme.entity_id 
_pdbx_nonpoly_scheme.mon_id 
_pdbx_nonpoly_scheme.ndb_seq_num 
_pdbx_nonpoly_scheme.pdb_seq_num 
_pdbx_nonpoly_scheme.auth_seq_num 
_pdbx_nonpoly_scheme.pdb_mon_id 
_pdbx_nonpoly_scheme.auth_mon_id 
_pdbx_nonpoly_scheme.pdb_strand_id 
_pdbx_nonpoly_scheme.pdb_ins_code 
B 2 GOL 1  601 1  GOL GOL A . 
C 2 GOL 1  602 2  GOL GOL A . 
D 2 GOL 1  603 3  GOL GOL A . 
E 3 SO4 1  604 1  SO4 SO4 A . 
F 4 HOH 1  701 10 HOH HOH A . 
F 4 HOH 2  702 16 HOH HOH A . 
F 4 HOH 3  703 29 HOH HOH A . 
F 4 HOH 4  704 14 HOH HOH A . 
F 4 HOH 5  705 27 HOH HOH A . 
F 4 HOH 6  706 3  HOH HOH A . 
F 4 HOH 7  707 18 HOH HOH A . 
F 4 HOH 8  708 44 HOH HOH A . 
F 4 HOH 9  709 23 HOH HOH A . 
F 4 HOH 10 710 21 HOH HOH A . 
F 4 HOH 11 711 11 HOH HOH A . 
F 4 HOH 12 712 20 HOH HOH A . 
F 4 HOH 13 713 30 HOH HOH A . 
F 4 HOH 14 714 7  HOH HOH A . 
F 4 HOH 15 715 36 HOH HOH A . 
F 4 HOH 16 716 26 HOH HOH A . 
F 4 HOH 17 717 42 HOH HOH A . 
F 4 HOH 18 718 46 HOH HOH A . 
F 4 HOH 19 719 48 HOH HOH A . 
F 4 HOH 20 720 12 HOH HOH A . 
F 4 HOH 21 721 15 HOH HOH A . 
F 4 HOH 22 722 49 HOH HOH A . 
F 4 HOH 23 723 6  HOH HOH A . 
F 4 HOH 24 724 35 HOH HOH A . 
F 4 HOH 25 725 45 HOH HOH A . 
F 4 HOH 26 726 33 HOH HOH A . 
F 4 HOH 27 727 40 HOH HOH A . 
F 4 HOH 28 728 22 HOH HOH A . 
F 4 HOH 29 729 38 HOH HOH A . 
F 4 HOH 30 730 37 HOH HOH A . 
F 4 HOH 31 731 41 HOH HOH A . 
F 4 HOH 32 732 25 HOH HOH A . 
F 4 HOH 33 733 47 HOH HOH A . 
# 
_pdbx_struct_assembly.id                   1 
_pdbx_struct_assembly.details              author_and_software_defined_assembly 
_pdbx_struct_assembly.method_details       PISA 
_pdbx_struct_assembly.oligomeric_details   monomeric 
_pdbx_struct_assembly.oligomeric_count     1 
# 
_pdbx_struct_assembly_gen.assembly_id       1 
_pdbx_struct_assembly_gen.oper_expression   1 
_pdbx_struct_assembly_gen.asym_id_list      A,B,C,D,E,F 
# 
loop_
_pdbx_struct_assembly_prop.biol_id 
_pdbx_struct_assembly_prop.type 
_pdbx_struct_assembly_prop.value 
_pdbx_struct_assembly_prop.details 
1 'ABSA (A^2)' 630  ? 
1 MORE         -6   ? 
1 'SSA (A^2)'  5470 ? 
# 
_pdbx_struct_oper_list.id                   1 
_pdbx_struct_oper_list.type                 'identity operation' 
_pdbx_struct_oper_list.name                 1_555 
_pdbx_struct_oper_list.symmetry_operation   x,y,z 
_pdbx_struct_oper_list.matrix[1][1]         1.0000000000 
_pdbx_struct_oper_list.matrix[1][2]         0.0000000000 
_pdbx_struct_oper_list.matrix[1][3]         0.0000000000 
_pdbx_struct_oper_list.vector[1]            0.0000000000 
_pdbx_struct_oper_list.matrix[2][1]         0.0000000000 
_pdbx_struct_oper_list.matrix[2][2]         1.0000000000 
_pdbx_struct_oper_list.matrix[2][3]         0.0000000000 
_pdbx_struct_oper_list.vector[2]            0.0000000000 
_pdbx_struct_oper_list.matrix[3][1]         0.0000000000 
_pdbx_struct_oper_list.matrix[3][2]         0.0000000000 
_pdbx_struct_oper_list.matrix[3][3]         1.0000000000 
_pdbx_struct_oper_list.vector[3]            0.0000000000 
# 
_pdbx_struct_special_symmetry.id              1 
_pdbx_struct_special_symmetry.PDB_model_num   1 
_pdbx_struct_special_symmetry.auth_asym_id    A 
_pdbx_struct_special_symmetry.auth_comp_id    HOH 
_pdbx_struct_special_symmetry.auth_seq_id     711 
_pdbx_struct_special_symmetry.PDB_ins_code    ? 
_pdbx_struct_special_symmetry.label_asym_id   F 
_pdbx_struct_special_symmetry.label_comp_id   HOH 
_pdbx_struct_special_symmetry.label_seq_id    . 
# 
loop_
_pdbx_audit_revision_history.ordinal 
_pdbx_audit_revision_history.data_content_type 
_pdbx_audit_revision_history.major_revision 
_pdbx_audit_revision_history.minor_revision 
_pdbx_audit_revision_history.revision_date 
1 'Structure model' 1 0 2017-03-29 
2 'Structure model' 1 1 2017-04-19 
3 'Structure model' 1 2 2023-10-04 
# 
_pdbx_audit_revision_details.ordinal             1 
_pdbx_audit_revision_details.revision_ordinal    1 
_pdbx_audit_revision_details.data_content_type   'Structure model' 
_pdbx_audit_revision_details.provider            repository 
_pdbx_audit_revision_details.type                'Initial release' 
_pdbx_audit_revision_details.description         ? 
_pdbx_audit_revision_details.details             ? 
# 
loop_
_pdbx_audit_revision_group.ordinal 
_pdbx_audit_revision_group.revision_ordinal 
_pdbx_audit_revision_group.data_content_type 
_pdbx_audit_revision_group.group 
1 2 'Structure model' 'Database references'    
2 3 'Structure model' 'Data collection'        
3 3 'Structure model' 'Database references'    
4 3 'Structure model' 'Refinement description' 
# 
loop_
_pdbx_audit_revision_category.ordinal 
_pdbx_audit_revision_category.revision_ordinal 
_pdbx_audit_revision_category.data_content_type 
_pdbx_audit_revision_category.category 
1 3 'Structure model' chem_comp_atom                
2 3 'Structure model' chem_comp_bond                
3 3 'Structure model' database_2                    
4 3 'Structure model' pdbx_initial_refinement_model 
# 
loop_
_pdbx_audit_revision_item.ordinal 
_pdbx_audit_revision_item.revision_ordinal 
_pdbx_audit_revision_item.data_content_type 
_pdbx_audit_revision_item.item 
1 3 'Structure model' '_database_2.pdbx_DOI'                
2 3 'Structure model' '_database_2.pdbx_database_accession' 
# 
loop_
_software.citation_id 
_software.classification 
_software.compiler_name 
_software.compiler_version 
_software.contact_author 
_software.contact_author_email 
_software.date 
_software.description 
_software.dependencies 
_software.hardware 
_software.language 
_software.location 
_software.mods 
_software.name 
_software.os 
_software.os_version 
_software.type 
_software.version 
_software.pdbx_ordinal 
? refinement        ? ? ? ? ? ? ? ? ? ? ? PHENIX   ? ? ? '(1.10.1_2155)' 1 
? 'data collection' ? ? ? ? ? ? ? ? ? ? ? HKL-2000 ? ? ? .               2 
? 'data scaling'    ? ? ? ? ? ? ? ? ? ? ? HKL-2000 ? ? ? .               3 
? phasing           ? ? ? ? ? ? ? ? ? ? ? MOLREP   ? ? ? .               4 
? 'data reduction'  ? ? ? ? ? ? ? ? ? ? ? HKL-2000 ? ? ? .               5 
# 
_pdbx_validate_torsion.id              1 
_pdbx_validate_torsion.PDB_model_num   1 
_pdbx_validate_torsion.auth_comp_id    PHE 
_pdbx_validate_torsion.auth_asym_id    A 
_pdbx_validate_torsion.auth_seq_id     493 
_pdbx_validate_torsion.PDB_ins_code    ? 
_pdbx_validate_torsion.label_alt_id    ? 
_pdbx_validate_torsion.phi             -119.36 
_pdbx_validate_torsion.psi             -155.43 
# 
loop_
_pdbx_unobs_or_zero_occ_residues.id 
_pdbx_unobs_or_zero_occ_residues.PDB_model_num 
_pdbx_unobs_or_zero_occ_residues.polymer_flag 
_pdbx_unobs_or_zero_occ_residues.occupancy_flag 
_pdbx_unobs_or_zero_occ_residues.auth_asym_id 
_pdbx_unobs_or_zero_occ_residues.auth_comp_id 
_pdbx_unobs_or_zero_occ_residues.auth_seq_id 
_pdbx_unobs_or_zero_occ_residues.PDB_ins_code 
_pdbx_unobs_or_zero_occ_residues.label_asym_id 
_pdbx_unobs_or_zero_occ_residues.label_comp_id 
_pdbx_unobs_or_zero_occ_residues.label_seq_id 
1  1 Y 1 A GLY 471 ? A GLY 1  
2  1 Y 1 A SER 472 ? A SER 2  
3  1 Y 1 A HIS 473 ? A HIS 3  
4  1 Y 1 A MET 474 ? A MET 4  
5  1 Y 1 A GLY 475 ? A GLY 5  
6  1 Y 1 A ASN 476 ? A ASN 6  
7  1 Y 1 A ASP 477 ? A ASP 7  
8  1 Y 1 A ARG 558 ? A ARG 88 
9  1 Y 1 A GLY 559 ? A GLY 89 
10 1 Y 1 A LEU 560 ? A LEU 90 
11 1 Y 1 A ASN 561 ? A ASN 91 
12 1 Y 1 A GLY 562 ? A GLY 92 
# 
loop_
_chem_comp_atom.comp_id 
_chem_comp_atom.atom_id 
_chem_comp_atom.type_symbol 
_chem_comp_atom.pdbx_aromatic_flag 
_chem_comp_atom.pdbx_stereo_config 
_chem_comp_atom.pdbx_ordinal 
ALA N    N N N 1   
ALA CA   C N S 2   
ALA C    C N N 3   
ALA O    O N N 4   
ALA CB   C N N 5   
ALA OXT  O N N 6   
ALA H    H N N 7   
ALA H2   H N N 8   
ALA HA   H N N 9   
ALA HB1  H N N 10  
ALA HB2  H N N 11  
ALA HB3  H N N 12  
ALA HXT  H N N 13  
ARG N    N N N 14  
ARG CA   C N S 15  
ARG C    C N N 16  
ARG O    O N N 17  
ARG CB   C N N 18  
ARG CG   C N N 19  
ARG CD   C N N 20  
ARG NE   N N N 21  
ARG CZ   C N N 22  
ARG NH1  N N N 23  
ARG NH2  N N N 24  
ARG OXT  O N N 25  
ARG H    H N N 26  
ARG H2   H N N 27  
ARG HA   H N N 28  
ARG HB2  H N N 29  
ARG HB3  H N N 30  
ARG HG2  H N N 31  
ARG HG3  H N N 32  
ARG HD2  H N N 33  
ARG HD3  H N N 34  
ARG HE   H N N 35  
ARG HH11 H N N 36  
ARG HH12 H N N 37  
ARG HH21 H N N 38  
ARG HH22 H N N 39  
ARG HXT  H N N 40  
ASN N    N N N 41  
ASN CA   C N S 42  
ASN C    C N N 43  
ASN O    O N N 44  
ASN CB   C N N 45  
ASN CG   C N N 46  
ASN OD1  O N N 47  
ASN ND2  N N N 48  
ASN OXT  O N N 49  
ASN H    H N N 50  
ASN H2   H N N 51  
ASN HA   H N N 52  
ASN HB2  H N N 53  
ASN HB3  H N N 54  
ASN HD21 H N N 55  
ASN HD22 H N N 56  
ASN HXT  H N N 57  
ASP N    N N N 58  
ASP CA   C N S 59  
ASP C    C N N 60  
ASP O    O N N 61  
ASP CB   C N N 62  
ASP CG   C N N 63  
ASP OD1  O N N 64  
ASP OD2  O N N 65  
ASP OXT  O N N 66  
ASP H    H N N 67  
ASP H2   H N N 68  
ASP HA   H N N 69  
ASP HB2  H N N 70  
ASP HB3  H N N 71  
ASP HD2  H N N 72  
ASP HXT  H N N 73  
GLN N    N N N 74  
GLN CA   C N S 75  
GLN C    C N N 76  
GLN O    O N N 77  
GLN CB   C N N 78  
GLN CG   C N N 79  
GLN CD   C N N 80  
GLN OE1  O N N 81  
GLN NE2  N N N 82  
GLN OXT  O N N 83  
GLN H    H N N 84  
GLN H2   H N N 85  
GLN HA   H N N 86  
GLN HB2  H N N 87  
GLN HB3  H N N 88  
GLN HG2  H N N 89  
GLN HG3  H N N 90  
GLN HE21 H N N 91  
GLN HE22 H N N 92  
GLN HXT  H N N 93  
GLU N    N N N 94  
GLU CA   C N S 95  
GLU C    C N N 96  
GLU O    O N N 97  
GLU CB   C N N 98  
GLU CG   C N N 99  
GLU CD   C N N 100 
GLU OE1  O N N 101 
GLU OE2  O N N 102 
GLU OXT  O N N 103 
GLU H    H N N 104 
GLU H2   H N N 105 
GLU HA   H N N 106 
GLU HB2  H N N 107 
GLU HB3  H N N 108 
GLU HG2  H N N 109 
GLU HG3  H N N 110 
GLU HE2  H N N 111 
GLU HXT  H N N 112 
GLY N    N N N 113 
GLY CA   C N N 114 
GLY C    C N N 115 
GLY O    O N N 116 
GLY OXT  O N N 117 
GLY H    H N N 118 
GLY H2   H N N 119 
GLY HA2  H N N 120 
GLY HA3  H N N 121 
GLY HXT  H N N 122 
GOL C1   C N N 123 
GOL O1   O N N 124 
GOL C2   C N N 125 
GOL O2   O N N 126 
GOL C3   C N N 127 
GOL O3   O N N 128 
GOL H11  H N N 129 
GOL H12  H N N 130 
GOL HO1  H N N 131 
GOL H2   H N N 132 
GOL HO2  H N N 133 
GOL H31  H N N 134 
GOL H32  H N N 135 
GOL HO3  H N N 136 
HIS N    N N N 137 
HIS CA   C N S 138 
HIS C    C N N 139 
HIS O    O N N 140 
HIS CB   C N N 141 
HIS CG   C Y N 142 
HIS ND1  N Y N 143 
HIS CD2  C Y N 144 
HIS CE1  C Y N 145 
HIS NE2  N Y N 146 
HIS OXT  O N N 147 
HIS H    H N N 148 
HIS H2   H N N 149 
HIS HA   H N N 150 
HIS HB2  H N N 151 
HIS HB3  H N N 152 
HIS HD1  H N N 153 
HIS HD2  H N N 154 
HIS HE1  H N N 155 
HIS HE2  H N N 156 
HIS HXT  H N N 157 
HOH O    O N N 158 
HOH H1   H N N 159 
HOH H2   H N N 160 
ILE N    N N N 161 
ILE CA   C N S 162 
ILE C    C N N 163 
ILE O    O N N 164 
ILE CB   C N S 165 
ILE CG1  C N N 166 
ILE CG2  C N N 167 
ILE CD1  C N N 168 
ILE OXT  O N N 169 
ILE H    H N N 170 
ILE H2   H N N 171 
ILE HA   H N N 172 
ILE HB   H N N 173 
ILE HG12 H N N 174 
ILE HG13 H N N 175 
ILE HG21 H N N 176 
ILE HG22 H N N 177 
ILE HG23 H N N 178 
ILE HD11 H N N 179 
ILE HD12 H N N 180 
ILE HD13 H N N 181 
ILE HXT  H N N 182 
LEU N    N N N 183 
LEU CA   C N S 184 
LEU C    C N N 185 
LEU O    O N N 186 
LEU CB   C N N 187 
LEU CG   C N N 188 
LEU CD1  C N N 189 
LEU CD2  C N N 190 
LEU OXT  O N N 191 
LEU H    H N N 192 
LEU H2   H N N 193 
LEU HA   H N N 194 
LEU HB2  H N N 195 
LEU HB3  H N N 196 
LEU HG   H N N 197 
LEU HD11 H N N 198 
LEU HD12 H N N 199 
LEU HD13 H N N 200 
LEU HD21 H N N 201 
LEU HD22 H N N 202 
LEU HD23 H N N 203 
LEU HXT  H N N 204 
LYS N    N N N 205 
LYS CA   C N S 206 
LYS C    C N N 207 
LYS O    O N N 208 
LYS CB   C N N 209 
LYS CG   C N N 210 
LYS CD   C N N 211 
LYS CE   C N N 212 
LYS NZ   N N N 213 
LYS OXT  O N N 214 
LYS H    H N N 215 
LYS H2   H N N 216 
LYS HA   H N N 217 
LYS HB2  H N N 218 
LYS HB3  H N N 219 
LYS HG2  H N N 220 
LYS HG3  H N N 221 
LYS HD2  H N N 222 
LYS HD3  H N N 223 
LYS HE2  H N N 224 
LYS HE3  H N N 225 
LYS HZ1  H N N 226 
LYS HZ2  H N N 227 
LYS HZ3  H N N 228 
LYS HXT  H N N 229 
MET N    N N N 230 
MET CA   C N S 231 
MET C    C N N 232 
MET O    O N N 233 
MET CB   C N N 234 
MET CG   C N N 235 
MET SD   S N N 236 
MET CE   C N N 237 
MET OXT  O N N 238 
MET H    H N N 239 
MET H2   H N N 240 
MET HA   H N N 241 
MET HB2  H N N 242 
MET HB3  H N N 243 
MET HG2  H N N 244 
MET HG3  H N N 245 
MET HE1  H N N 246 
MET HE2  H N N 247 
MET HE3  H N N 248 
MET HXT  H N N 249 
PHE N    N N N 250 
PHE CA   C N S 251 
PHE C    C N N 252 
PHE O    O N N 253 
PHE CB   C N N 254 
PHE CG   C Y N 255 
PHE CD1  C Y N 256 
PHE CD2  C Y N 257 
PHE CE1  C Y N 258 
PHE CE2  C Y N 259 
PHE CZ   C Y N 260 
PHE OXT  O N N 261 
PHE H    H N N 262 
PHE H2   H N N 263 
PHE HA   H N N 264 
PHE HB2  H N N 265 
PHE HB3  H N N 266 
PHE HD1  H N N 267 
PHE HD2  H N N 268 
PHE HE1  H N N 269 
PHE HE2  H N N 270 
PHE HZ   H N N 271 
PHE HXT  H N N 272 
PRO N    N N N 273 
PRO CA   C N S 274 
PRO C    C N N 275 
PRO O    O N N 276 
PRO CB   C N N 277 
PRO CG   C N N 278 
PRO CD   C N N 279 
PRO OXT  O N N 280 
PRO H    H N N 281 
PRO HA   H N N 282 
PRO HB2  H N N 283 
PRO HB3  H N N 284 
PRO HG2  H N N 285 
PRO HG3  H N N 286 
PRO HD2  H N N 287 
PRO HD3  H N N 288 
PRO HXT  H N N 289 
SER N    N N N 290 
SER CA   C N S 291 
SER C    C N N 292 
SER O    O N N 293 
SER CB   C N N 294 
SER OG   O N N 295 
SER OXT  O N N 296 
SER H    H N N 297 
SER H2   H N N 298 
SER HA   H N N 299 
SER HB2  H N N 300 
SER HB3  H N N 301 
SER HG   H N N 302 
SER HXT  H N N 303 
SO4 S    S N N 304 
SO4 O1   O N N 305 
SO4 O2   O N N 306 
SO4 O3   O N N 307 
SO4 O4   O N N 308 
THR N    N N N 309 
THR CA   C N S 310 
THR C    C N N 311 
THR O    O N N 312 
THR CB   C N R 313 
THR OG1  O N N 314 
THR CG2  C N N 315 
THR OXT  O N N 316 
THR H    H N N 317 
THR H2   H N N 318 
THR HA   H N N 319 
THR HB   H N N 320 
THR HG1  H N N 321 
THR HG21 H N N 322 
THR HG22 H N N 323 
THR HG23 H N N 324 
THR HXT  H N N 325 
TYR N    N N N 326 
TYR CA   C N S 327 
TYR C    C N N 328 
TYR O    O N N 329 
TYR CB   C N N 330 
TYR CG   C Y N 331 
TYR CD1  C Y N 332 
TYR CD2  C Y N 333 
TYR CE1  C Y N 334 
TYR CE2  C Y N 335 
TYR CZ   C Y N 336 
TYR OH   O N N 337 
TYR OXT  O N N 338 
TYR H    H N N 339 
TYR H2   H N N 340 
TYR HA   H N N 341 
TYR HB2  H N N 342 
TYR HB3  H N N 343 
TYR HD1  H N N 344 
TYR HD2  H N N 345 
TYR HE1  H N N 346 
TYR HE2  H N N 347 
TYR HH   H N N 348 
TYR HXT  H N N 349 
VAL N    N N N 350 
VAL CA   C N S 351 
VAL C    C N N 352 
VAL O    O N N 353 
VAL CB   C N N 354 
VAL CG1  C N N 355 
VAL CG2  C N N 356 
VAL OXT  O N N 357 
VAL H    H N N 358 
VAL H2   H N N 359 
VAL HA   H N N 360 
VAL HB   H N N 361 
VAL HG11 H N N 362 
VAL HG12 H N N 363 
VAL HG13 H N N 364 
VAL HG21 H N N 365 
VAL HG22 H N N 366 
VAL HG23 H N N 367 
VAL HXT  H N N 368 
# 
loop_
_chem_comp_bond.comp_id 
_chem_comp_bond.atom_id_1 
_chem_comp_bond.atom_id_2 
_chem_comp_bond.value_order 
_chem_comp_bond.pdbx_aromatic_flag 
_chem_comp_bond.pdbx_stereo_config 
_chem_comp_bond.pdbx_ordinal 
ALA N   CA   sing N N 1   
ALA N   H    sing N N 2   
ALA N   H2   sing N N 3   
ALA CA  C    sing N N 4   
ALA CA  CB   sing N N 5   
ALA CA  HA   sing N N 6   
ALA C   O    doub N N 7   
ALA C   OXT  sing N N 8   
ALA CB  HB1  sing N N 9   
ALA CB  HB2  sing N N 10  
ALA CB  HB3  sing N N 11  
ALA OXT HXT  sing N N 12  
ARG N   CA   sing N N 13  
ARG N   H    sing N N 14  
ARG N   H2   sing N N 15  
ARG CA  C    sing N N 16  
ARG CA  CB   sing N N 17  
ARG CA  HA   sing N N 18  
ARG C   O    doub N N 19  
ARG C   OXT  sing N N 20  
ARG CB  CG   sing N N 21  
ARG CB  HB2  sing N N 22  
ARG CB  HB3  sing N N 23  
ARG CG  CD   sing N N 24  
ARG CG  HG2  sing N N 25  
ARG CG  HG3  sing N N 26  
ARG CD  NE   sing N N 27  
ARG CD  HD2  sing N N 28  
ARG CD  HD3  sing N N 29  
ARG NE  CZ   sing N N 30  
ARG NE  HE   sing N N 31  
ARG CZ  NH1  sing N N 32  
ARG CZ  NH2  doub N N 33  
ARG NH1 HH11 sing N N 34  
ARG NH1 HH12 sing N N 35  
ARG NH2 HH21 sing N N 36  
ARG NH2 HH22 sing N N 37  
ARG OXT HXT  sing N N 38  
ASN N   CA   sing N N 39  
ASN N   H    sing N N 40  
ASN N   H2   sing N N 41  
ASN CA  C    sing N N 42  
ASN CA  CB   sing N N 43  
ASN CA  HA   sing N N 44  
ASN C   O    doub N N 45  
ASN C   OXT  sing N N 46  
ASN CB  CG   sing N N 47  
ASN CB  HB2  sing N N 48  
ASN CB  HB3  sing N N 49  
ASN CG  OD1  doub N N 50  
ASN CG  ND2  sing N N 51  
ASN ND2 HD21 sing N N 52  
ASN ND2 HD22 sing N N 53  
ASN OXT HXT  sing N N 54  
ASP N   CA   sing N N 55  
ASP N   H    sing N N 56  
ASP N   H2   sing N N 57  
ASP CA  C    sing N N 58  
ASP CA  CB   sing N N 59  
ASP CA  HA   sing N N 60  
ASP C   O    doub N N 61  
ASP C   OXT  sing N N 62  
ASP CB  CG   sing N N 63  
ASP CB  HB2  sing N N 64  
ASP CB  HB3  sing N N 65  
ASP CG  OD1  doub N N 66  
ASP CG  OD2  sing N N 67  
ASP OD2 HD2  sing N N 68  
ASP OXT HXT  sing N N 69  
GLN N   CA   sing N N 70  
GLN N   H    sing N N 71  
GLN N   H2   sing N N 72  
GLN CA  C    sing N N 73  
GLN CA  CB   sing N N 74  
GLN CA  HA   sing N N 75  
GLN C   O    doub N N 76  
GLN C   OXT  sing N N 77  
GLN CB  CG   sing N N 78  
GLN CB  HB2  sing N N 79  
GLN CB  HB3  sing N N 80  
GLN CG  CD   sing N N 81  
GLN CG  HG2  sing N N 82  
GLN CG  HG3  sing N N 83  
GLN CD  OE1  doub N N 84  
GLN CD  NE2  sing N N 85  
GLN NE2 HE21 sing N N 86  
GLN NE2 HE22 sing N N 87  
GLN OXT HXT  sing N N 88  
GLU N   CA   sing N N 89  
GLU N   H    sing N N 90  
GLU N   H2   sing N N 91  
GLU CA  C    sing N N 92  
GLU CA  CB   sing N N 93  
GLU CA  HA   sing N N 94  
GLU C   O    doub N N 95  
GLU C   OXT  sing N N 96  
GLU CB  CG   sing N N 97  
GLU CB  HB2  sing N N 98  
GLU CB  HB3  sing N N 99  
GLU CG  CD   sing N N 100 
GLU CG  HG2  sing N N 101 
GLU CG  HG3  sing N N 102 
GLU CD  OE1  doub N N 103 
GLU CD  OE2  sing N N 104 
GLU OE2 HE2  sing N N 105 
GLU OXT HXT  sing N N 106 
GLY N   CA   sing N N 107 
GLY N   H    sing N N 108 
GLY N   H2   sing N N 109 
GLY CA  C    sing N N 110 
GLY CA  HA2  sing N N 111 
GLY CA  HA3  sing N N 112 
GLY C   O    doub N N 113 
GLY C   OXT  sing N N 114 
GLY OXT HXT  sing N N 115 
GOL C1  O1   sing N N 116 
GOL C1  C2   sing N N 117 
GOL C1  H11  sing N N 118 
GOL C1  H12  sing N N 119 
GOL O1  HO1  sing N N 120 
GOL C2  O2   sing N N 121 
GOL C2  C3   sing N N 122 
GOL C2  H2   sing N N 123 
GOL O2  HO2  sing N N 124 
GOL C3  O3   sing N N 125 
GOL C3  H31  sing N N 126 
GOL C3  H32  sing N N 127 
GOL O3  HO3  sing N N 128 
HIS N   CA   sing N N 129 
HIS N   H    sing N N 130 
HIS N   H2   sing N N 131 
HIS CA  C    sing N N 132 
HIS CA  CB   sing N N 133 
HIS CA  HA   sing N N 134 
HIS C   O    doub N N 135 
HIS C   OXT  sing N N 136 
HIS CB  CG   sing N N 137 
HIS CB  HB2  sing N N 138 
HIS CB  HB3  sing N N 139 
HIS CG  ND1  sing Y N 140 
HIS CG  CD2  doub Y N 141 
HIS ND1 CE1  doub Y N 142 
HIS ND1 HD1  sing N N 143 
HIS CD2 NE2  sing Y N 144 
HIS CD2 HD2  sing N N 145 
HIS CE1 NE2  sing Y N 146 
HIS CE1 HE1  sing N N 147 
HIS NE2 HE2  sing N N 148 
HIS OXT HXT  sing N N 149 
HOH O   H1   sing N N 150 
HOH O   H2   sing N N 151 
ILE N   CA   sing N N 152 
ILE N   H    sing N N 153 
ILE N   H2   sing N N 154 
ILE CA  C    sing N N 155 
ILE CA  CB   sing N N 156 
ILE CA  HA   sing N N 157 
ILE C   O    doub N N 158 
ILE C   OXT  sing N N 159 
ILE CB  CG1  sing N N 160 
ILE CB  CG2  sing N N 161 
ILE CB  HB   sing N N 162 
ILE CG1 CD1  sing N N 163 
ILE CG1 HG12 sing N N 164 
ILE CG1 HG13 sing N N 165 
ILE CG2 HG21 sing N N 166 
ILE CG2 HG22 sing N N 167 
ILE CG2 HG23 sing N N 168 
ILE CD1 HD11 sing N N 169 
ILE CD1 HD12 sing N N 170 
ILE CD1 HD13 sing N N 171 
ILE OXT HXT  sing N N 172 
LEU N   CA   sing N N 173 
LEU N   H    sing N N 174 
LEU N   H2   sing N N 175 
LEU CA  C    sing N N 176 
LEU CA  CB   sing N N 177 
LEU CA  HA   sing N N 178 
LEU C   O    doub N N 179 
LEU C   OXT  sing N N 180 
LEU CB  CG   sing N N 181 
LEU CB  HB2  sing N N 182 
LEU CB  HB3  sing N N 183 
LEU CG  CD1  sing N N 184 
LEU CG  CD2  sing N N 185 
LEU CG  HG   sing N N 186 
LEU CD1 HD11 sing N N 187 
LEU CD1 HD12 sing N N 188 
LEU CD1 HD13 sing N N 189 
LEU CD2 HD21 sing N N 190 
LEU CD2 HD22 sing N N 191 
LEU CD2 HD23 sing N N 192 
LEU OXT HXT  sing N N 193 
LYS N   CA   sing N N 194 
LYS N   H    sing N N 195 
LYS N   H2   sing N N 196 
LYS CA  C    sing N N 197 
LYS CA  CB   sing N N 198 
LYS CA  HA   sing N N 199 
LYS C   O    doub N N 200 
LYS C   OXT  sing N N 201 
LYS CB  CG   sing N N 202 
LYS CB  HB2  sing N N 203 
LYS CB  HB3  sing N N 204 
LYS CG  CD   sing N N 205 
LYS CG  HG2  sing N N 206 
LYS CG  HG3  sing N N 207 
LYS CD  CE   sing N N 208 
LYS CD  HD2  sing N N 209 
LYS CD  HD3  sing N N 210 
LYS CE  NZ   sing N N 211 
LYS CE  HE2  sing N N 212 
LYS CE  HE3  sing N N 213 
LYS NZ  HZ1  sing N N 214 
LYS NZ  HZ2  sing N N 215 
LYS NZ  HZ3  sing N N 216 
LYS OXT HXT  sing N N 217 
MET N   CA   sing N N 218 
MET N   H    sing N N 219 
MET N   H2   sing N N 220 
MET CA  C    sing N N 221 
MET CA  CB   sing N N 222 
MET CA  HA   sing N N 223 
MET C   O    doub N N 224 
MET C   OXT  sing N N 225 
MET CB  CG   sing N N 226 
MET CB  HB2  sing N N 227 
MET CB  HB3  sing N N 228 
MET CG  SD   sing N N 229 
MET CG  HG2  sing N N 230 
MET CG  HG3  sing N N 231 
MET SD  CE   sing N N 232 
MET CE  HE1  sing N N 233 
MET CE  HE2  sing N N 234 
MET CE  HE3  sing N N 235 
MET OXT HXT  sing N N 236 
PHE N   CA   sing N N 237 
PHE N   H    sing N N 238 
PHE N   H2   sing N N 239 
PHE CA  C    sing N N 240 
PHE CA  CB   sing N N 241 
PHE CA  HA   sing N N 242 
PHE C   O    doub N N 243 
PHE C   OXT  sing N N 244 
PHE CB  CG   sing N N 245 
PHE CB  HB2  sing N N 246 
PHE CB  HB3  sing N N 247 
PHE CG  CD1  doub Y N 248 
PHE CG  CD2  sing Y N 249 
PHE CD1 CE1  sing Y N 250 
PHE CD1 HD1  sing N N 251 
PHE CD2 CE2  doub Y N 252 
PHE CD2 HD2  sing N N 253 
PHE CE1 CZ   doub Y N 254 
PHE CE1 HE1  sing N N 255 
PHE CE2 CZ   sing Y N 256 
PHE CE2 HE2  sing N N 257 
PHE CZ  HZ   sing N N 258 
PHE OXT HXT  sing N N 259 
PRO N   CA   sing N N 260 
PRO N   CD   sing N N 261 
PRO N   H    sing N N 262 
PRO CA  C    sing N N 263 
PRO CA  CB   sing N N 264 
PRO CA  HA   sing N N 265 
PRO C   O    doub N N 266 
PRO C   OXT  sing N N 267 
PRO CB  CG   sing N N 268 
PRO CB  HB2  sing N N 269 
PRO CB  HB3  sing N N 270 
PRO CG  CD   sing N N 271 
PRO CG  HG2  sing N N 272 
PRO CG  HG3  sing N N 273 
PRO CD  HD2  sing N N 274 
PRO CD  HD3  sing N N 275 
PRO OXT HXT  sing N N 276 
SER N   CA   sing N N 277 
SER N   H    sing N N 278 
SER N   H2   sing N N 279 
SER CA  C    sing N N 280 
SER CA  CB   sing N N 281 
SER CA  HA   sing N N 282 
SER C   O    doub N N 283 
SER C   OXT  sing N N 284 
SER CB  OG   sing N N 285 
SER CB  HB2  sing N N 286 
SER CB  HB3  sing N N 287 
SER OG  HG   sing N N 288 
SER OXT HXT  sing N N 289 
SO4 S   O1   doub N N 290 
SO4 S   O2   doub N N 291 
SO4 S   O3   sing N N 292 
SO4 S   O4   sing N N 293 
THR N   CA   sing N N 294 
THR N   H    sing N N 295 
THR N   H2   sing N N 296 
THR CA  C    sing N N 297 
THR CA  CB   sing N N 298 
THR CA  HA   sing N N 299 
THR C   O    doub N N 300 
THR C   OXT  sing N N 301 
THR CB  OG1  sing N N 302 
THR CB  CG2  sing N N 303 
THR CB  HB   sing N N 304 
THR OG1 HG1  sing N N 305 
THR CG2 HG21 sing N N 306 
THR CG2 HG22 sing N N 307 
THR CG2 HG23 sing N N 308 
THR OXT HXT  sing N N 309 
TYR N   CA   sing N N 310 
TYR N   H    sing N N 311 
TYR N   H2   sing N N 312 
TYR CA  C    sing N N 313 
TYR CA  CB   sing N N 314 
TYR CA  HA   sing N N 315 
TYR C   O    doub N N 316 
TYR C   OXT  sing N N 317 
TYR CB  CG   sing N N 318 
TYR CB  HB2  sing N N 319 
TYR CB  HB3  sing N N 320 
TYR CG  CD1  doub Y N 321 
TYR CG  CD2  sing Y N 322 
TYR CD1 CE1  sing Y N 323 
TYR CD1 HD1  sing N N 324 
TYR CD2 CE2  doub Y N 325 
TYR CD2 HD2  sing N N 326 
TYR CE1 CZ   doub Y N 327 
TYR CE1 HE1  sing N N 328 
TYR CE2 CZ   sing Y N 329 
TYR CE2 HE2  sing N N 330 
TYR CZ  OH   sing N N 331 
TYR OH  HH   sing N N 332 
TYR OXT HXT  sing N N 333 
VAL N   CA   sing N N 334 
VAL N   H    sing N N 335 
VAL N   H2   sing N N 336 
VAL CA  C    sing N N 337 
VAL CA  CB   sing N N 338 
VAL CA  HA   sing N N 339 
VAL C   O    doub N N 340 
VAL C   OXT  sing N N 341 
VAL CB  CG1  sing N N 342 
VAL CB  CG2  sing N N 343 
VAL CB  HB   sing N N 344 
VAL CG1 HG11 sing N N 345 
VAL CG1 HG12 sing N N 346 
VAL CG1 HG13 sing N N 347 
VAL CG2 HG21 sing N N 348 
VAL CG2 HG22 sing N N 349 
VAL CG2 HG23 sing N N 350 
VAL OXT HXT  sing N N 351 
# 
loop_
_pdbx_entity_nonpoly.entity_id 
_pdbx_entity_nonpoly.name 
_pdbx_entity_nonpoly.comp_id 
2 GLYCEROL      GOL 
3 'SULFATE ION' SO4 
4 water         HOH 
# 
_pdbx_initial_refinement_model.id               1 
_pdbx_initial_refinement_model.entity_id_list   ? 
_pdbx_initial_refinement_model.type             'experimental model' 
_pdbx_initial_refinement_model.source_name      PDB 
_pdbx_initial_refinement_model.accession_code   2KG1 
_pdbx_initial_refinement_model.details          ? 
# 
_pdbx_struct_assembly_auth_evidence.id                     1 
_pdbx_struct_assembly_auth_evidence.assembly_id            1 
_pdbx_struct_assembly_auth_evidence.experimental_support   none 
_pdbx_struct_assembly_auth_evidence.details                ? 
# 
